data_1YC2
#
_entry.id   1YC2
#
_cell.length_a   105.122
_cell.length_b   181.562
_cell.length_c   79.025
_cell.angle_alpha   90.00
_cell.angle_beta   90.00
_cell.angle_gamma   90.00
#
_symmetry.space_group_name_H-M   'P 21 21 2'
#
loop_
_entity.id
_entity.type
_entity.pdbx_description
1 polymer 'NAD-dependent deacetylase 2'
2 non-polymer 'ZINC ION'
3 non-polymer 'SULFATE ION'
4 non-polymer NICOTINAMIDE-ADENINE-DINUCLEOTIDE
5 non-polymer NICOTINAMIDE
6 non-polymer 1,2-ETHANEDIOL
7 non-polymer 'NONAETHYLENE GLYCOL'
8 non-polymer 'TETRAETHYLENE GLYCOL'
9 non-polymer 'TRIETHYLENE GLYCOL'
10 non-polymer ADENOSINE-5-DIPHOSPHORIBOSE
11 water water
#
_entity_poly.entity_id   1
_entity_poly.type   'polypeptide(L)'
_entity_poly.pdbx_seq_one_letter_code
;MEDEIRKAAEILAKSKHAVVFTGAGISAESGIPTFRGEDGLWRKYDPEEVASISGFKRNPRAFWEFSMEMKDKLFAEPNP
AHYAIAELERMGIVKAVITQNIDMLHQRAGSRRVLELHGSMDKLDCLDCHETYDWSEFVEDFNKGEIPRCRKCGSYYVKP
RVVLFGEPLPQRTLFEAIEEAKHCDAFMVVGSSLVVYPAAELPYIAKKAGAKMIIVNAEPTMADPIFDVKIIGKAGEVLP
KIVEEVKRLRSEK
;
_entity_poly.pdbx_strand_id   A,B,C,D,E
#
# COMPACT_ATOMS: atom_id res chain seq x y z
N MET A 1 -28.14 5.79 -18.34
CA MET A 1 -26.83 5.99 -17.65
C MET A 1 -26.79 5.13 -16.40
N GLU A 2 -27.95 4.95 -15.78
CA GLU A 2 -28.10 4.16 -14.55
C GLU A 2 -27.46 4.91 -13.39
N ASP A 3 -28.28 5.21 -12.39
CA ASP A 3 -27.85 5.95 -11.21
C ASP A 3 -26.65 5.37 -10.46
N GLU A 4 -26.46 4.06 -10.54
CA GLU A 4 -25.35 3.41 -9.86
C GLU A 4 -23.98 3.82 -10.42
N ILE A 5 -23.84 3.75 -11.74
CA ILE A 5 -22.59 4.13 -12.37
C ILE A 5 -22.27 5.62 -12.16
N ARG A 6 -23.30 6.45 -12.17
CA ARG A 6 -23.11 7.88 -11.97
C ARG A 6 -22.60 8.19 -10.58
N LYS A 7 -23.26 7.62 -9.57
CA LYS A 7 -22.86 7.85 -8.19
C LYS A 7 -21.44 7.34 -7.92
N ALA A 8 -21.09 6.22 -8.52
CA ALA A 8 -19.75 5.66 -8.34
C ALA A 8 -18.73 6.67 -8.85
N ALA A 9 -19.00 7.25 -10.02
CA ALA A 9 -18.12 8.25 -10.59
C ALA A 9 -18.15 9.50 -9.73
N GLU A 10 -19.32 9.84 -9.18
CA GLU A 10 -19.43 11.01 -8.32
C GLU A 10 -18.48 10.87 -7.15
N ILE A 11 -18.43 9.65 -6.59
CA ILE A 11 -17.55 9.36 -5.46
C ILE A 11 -16.07 9.40 -5.83
N LEU A 12 -15.71 8.68 -6.89
CA LEU A 12 -14.32 8.62 -7.32
C LEU A 12 -13.82 9.99 -7.73
N ALA A 13 -14.63 10.70 -8.51
CA ALA A 13 -14.26 12.04 -8.96
C ALA A 13 -13.90 12.95 -7.81
N LYS A 14 -14.36 12.62 -6.61
CA LYS A 14 -14.08 13.44 -5.43
C LYS A 14 -12.98 12.90 -4.51
N SER A 15 -12.46 11.71 -4.79
CA SER A 15 -11.44 11.13 -3.93
C SER A 15 -10.01 11.22 -4.45
N LYS A 16 -9.08 11.59 -3.56
CA LYS A 16 -7.68 11.74 -3.93
C LYS A 16 -6.80 10.59 -3.42
N HIS A 17 -7.43 9.52 -2.96
CA HIS A 17 -6.68 8.36 -2.46
C HIS A 17 -7.57 7.12 -2.41
N ALA A 18 -8.10 6.73 -3.56
CA ALA A 18 -8.97 5.58 -3.63
C ALA A 18 -8.21 4.27 -3.79
N VAL A 19 -8.78 3.20 -3.24
CA VAL A 19 -8.17 1.87 -3.31
C VAL A 19 -9.10 0.83 -3.93
N VAL A 20 -8.58 0.02 -4.85
CA VAL A 20 -9.35 -1.01 -5.52
C VAL A 20 -8.95 -2.43 -5.10
N PHE A 21 -9.92 -3.23 -4.67
CA PHE A 21 -9.66 -4.62 -4.28
C PHE A 21 -10.28 -5.44 -5.40
N THR A 22 -9.59 -6.47 -5.87
CA THR A 22 -10.11 -7.29 -6.96
C THR A 22 -9.94 -8.78 -6.74
N GLY A 23 -10.90 -9.54 -7.27
CA GLY A 23 -10.85 -10.98 -7.15
C GLY A 23 -10.89 -11.60 -8.53
N ALA A 24 -11.12 -12.92 -8.59
CA ALA A 24 -11.15 -13.65 -9.85
C ALA A 24 -12.14 -13.10 -10.86
N GLY A 25 -13.21 -12.48 -10.36
CA GLY A 25 -14.21 -11.94 -11.26
C GLY A 25 -13.70 -10.87 -12.22
N ILE A 26 -12.65 -10.15 -11.86
CA ILE A 26 -12.17 -9.11 -12.76
C ILE A 26 -11.33 -9.65 -13.90
N SER A 27 -11.02 -10.95 -13.86
CA SER A 27 -10.22 -11.56 -14.92
C SER A 27 -11.02 -12.57 -15.74
N ALA A 28 -12.31 -12.70 -15.43
CA ALA A 28 -13.16 -13.62 -16.17
C ALA A 28 -13.22 -13.21 -17.64
N GLU A 29 -13.44 -11.91 -17.88
CA GLU A 29 -13.52 -11.38 -19.24
C GLU A 29 -12.15 -11.35 -19.92
N SER A 30 -11.14 -11.96 -19.29
CA SER A 30 -9.80 -12.03 -19.88
C SER A 30 -9.57 -13.47 -20.31
N GLY A 31 -10.46 -14.36 -19.87
CA GLY A 31 -10.35 -15.76 -20.22
C GLY A 31 -9.97 -16.66 -19.06
N ILE A 32 -9.90 -16.11 -17.86
CA ILE A 32 -9.54 -16.91 -16.69
C ILE A 32 -10.77 -17.24 -15.87
N PRO A 33 -11.14 -18.53 -15.81
CA PRO A 33 -12.32 -18.95 -15.05
C PRO A 33 -12.20 -18.66 -13.55
N THR A 34 -13.33 -18.29 -12.95
CA THR A 34 -13.40 -17.96 -11.52
C THR A 34 -13.33 -19.20 -10.64
N PHE A 35 -13.47 -19.00 -9.32
CA PHE A 35 -13.44 -20.10 -8.35
C PHE A 35 -14.73 -20.90 -8.25
N ARG A 36 -15.59 -20.77 -9.26
CA ARG A 36 -16.87 -21.49 -9.26
C ARG A 36 -16.67 -23.00 -9.12
N GLY A 37 -17.52 -23.63 -8.33
CA GLY A 37 -17.44 -25.07 -8.12
C GLY A 37 -16.15 -25.55 -7.47
N GLU A 38 -15.67 -24.81 -6.48
CA GLU A 38 -14.44 -25.19 -5.78
C GLU A 38 -14.71 -26.42 -4.91
N ASP A 39 -15.95 -26.55 -4.44
CA ASP A 39 -16.33 -27.69 -3.60
C ASP A 39 -16.07 -28.98 -4.37
N GLY A 40 -16.60 -29.04 -5.60
CA GLY A 40 -16.41 -30.22 -6.43
C GLY A 40 -14.95 -30.49 -6.71
N LEU A 41 -14.20 -29.43 -7.04
CA LEU A 41 -12.78 -29.53 -7.34
C LEU A 41 -12.05 -30.43 -6.34
N TRP A 42 -12.38 -30.26 -5.07
CA TRP A 42 -11.73 -31.03 -4.03
C TRP A 42 -12.28 -32.45 -3.89
N ARG A 43 -13.15 -32.82 -4.83
CA ARG A 43 -13.73 -34.16 -4.87
C ARG A 43 -12.90 -35.00 -5.87
N LYS A 44 -12.18 -34.31 -6.76
CA LYS A 44 -11.33 -34.97 -7.77
C LYS A 44 -9.90 -35.12 -7.27
N TYR A 45 -9.36 -34.07 -6.65
CA TYR A 45 -8.00 -34.09 -6.14
C TYR A 45 -7.92 -33.83 -4.64
N ASP A 46 -6.92 -34.45 -3.99
CA ASP A 46 -6.71 -34.25 -2.58
C ASP A 46 -5.99 -32.90 -2.52
N PRO A 47 -6.64 -31.89 -1.93
CA PRO A 47 -6.01 -30.56 -1.85
C PRO A 47 -4.66 -30.59 -1.15
N GLU A 48 -4.55 -31.43 -0.13
CA GLU A 48 -3.31 -31.54 0.62
C GLU A 48 -2.14 -32.00 -0.24
N GLU A 49 -2.37 -32.94 -1.17
CA GLU A 49 -1.26 -33.42 -1.99
C GLU A 49 -0.95 -32.63 -3.24
N VAL A 50 -1.94 -31.98 -3.84
CA VAL A 50 -1.69 -31.22 -5.06
C VAL A 50 -1.55 -29.72 -4.87
N ALA A 51 -1.94 -29.20 -3.72
CA ALA A 51 -1.89 -27.75 -3.54
C ALA A 51 -1.38 -27.23 -2.20
N SER A 52 -0.59 -28.02 -1.50
CA SER A 52 -0.03 -27.56 -0.23
C SER A 52 1.50 -27.66 -0.33
N ILE A 53 2.20 -26.87 0.48
CA ILE A 53 3.65 -26.89 0.46
C ILE A 53 4.15 -28.28 0.89
N SER A 54 3.38 -28.93 1.74
CA SER A 54 3.75 -30.25 2.24
C SER A 54 3.66 -31.29 1.12
N GLY A 55 2.56 -31.25 0.38
CA GLY A 55 2.38 -32.18 -0.74
C GLY A 55 3.38 -31.87 -1.83
N PHE A 56 3.76 -30.60 -1.96
CA PHE A 56 4.70 -30.19 -2.98
C PHE A 56 6.09 -30.76 -2.70
N LYS A 57 6.51 -30.72 -1.44
CA LYS A 57 7.82 -31.23 -1.10
C LYS A 57 7.83 -32.75 -1.21
N ARG A 58 6.68 -33.35 -0.96
CA ARG A 58 6.55 -34.79 -1.01
C ARG A 58 6.48 -35.33 -2.45
N ASN A 59 6.06 -34.49 -3.39
CA ASN A 59 5.94 -34.91 -4.79
C ASN A 59 5.49 -33.75 -5.66
N PRO A 60 6.45 -32.98 -6.22
CA PRO A 60 6.19 -31.82 -7.09
C PRO A 60 5.24 -32.05 -8.28
N ARG A 61 5.30 -33.24 -8.85
CA ARG A 61 4.48 -33.58 -10.02
C ARG A 61 2.98 -33.43 -9.79
N ALA A 62 2.52 -33.80 -8.61
CA ALA A 62 1.10 -33.70 -8.30
C ALA A 62 0.61 -32.27 -8.55
N PHE A 63 1.32 -31.30 -7.99
CA PHE A 63 0.98 -29.90 -8.14
C PHE A 63 0.99 -29.45 -9.59
N TRP A 64 2.10 -29.70 -10.28
CA TRP A 64 2.19 -29.31 -11.68
C TRP A 64 1.20 -29.99 -12.61
N GLU A 65 0.99 -31.29 -12.45
CA GLU A 65 0.04 -31.98 -13.30
C GLU A 65 -1.37 -31.51 -12.97
N PHE A 66 -1.60 -31.18 -11.71
CA PHE A 66 -2.90 -30.68 -11.28
C PHE A 66 -3.10 -29.33 -11.99
N SER A 67 -2.08 -28.49 -11.97
CA SER A 67 -2.16 -27.18 -12.62
C SER A 67 -2.38 -27.28 -14.12
N MET A 68 -1.71 -28.23 -14.76
CA MET A 68 -1.85 -28.41 -16.20
C MET A 68 -3.28 -28.77 -16.58
N GLU A 69 -3.92 -29.61 -15.77
CA GLU A 69 -5.30 -30.02 -16.03
C GLU A 69 -6.32 -28.91 -15.84
N MET A 70 -6.07 -27.98 -14.92
CA MET A 70 -7.02 -26.91 -14.65
C MET A 70 -6.70 -25.56 -15.30
N LYS A 71 -5.42 -25.19 -15.36
CA LYS A 71 -5.05 -23.91 -15.95
C LYS A 71 -5.46 -23.84 -17.42
N ASP A 72 -6.33 -22.88 -17.74
CA ASP A 72 -6.82 -22.68 -19.10
C ASP A 72 -5.99 -21.66 -19.86
N LYS A 73 -6.32 -20.37 -19.70
CA LYS A 73 -5.59 -19.32 -20.39
C LYS A 73 -4.24 -18.98 -19.77
N LEU A 74 -3.18 -19.35 -20.48
CA LEU A 74 -1.81 -19.10 -20.02
C LEU A 74 -1.28 -17.79 -20.57
N PHE A 75 -1.84 -17.34 -21.69
CA PHE A 75 -1.39 -16.09 -22.28
C PHE A 75 -2.48 -15.02 -22.31
N ALA A 76 -3.33 -15.06 -21.29
CA ALA A 76 -4.42 -14.09 -21.18
C ALA A 76 -3.81 -12.70 -21.09
N GLU A 77 -4.58 -11.71 -21.52
CA GLU A 77 -4.11 -10.33 -21.47
C GLU A 77 -5.16 -9.53 -20.71
N PRO A 78 -4.76 -8.40 -20.12
CA PRO A 78 -5.74 -7.60 -19.38
C PRO A 78 -6.94 -7.18 -20.22
N ASN A 79 -8.11 -7.11 -19.59
CA ASN A 79 -9.33 -6.73 -20.26
C ASN A 79 -9.62 -5.26 -19.93
N PRO A 80 -10.68 -4.68 -20.49
CA PRO A 80 -11.02 -3.28 -20.23
C PRO A 80 -11.05 -2.87 -18.75
N ALA A 81 -11.50 -3.76 -17.89
CA ALA A 81 -11.56 -3.45 -16.46
C ALA A 81 -10.16 -3.14 -15.91
N HIS A 82 -9.16 -3.97 -16.22
CA HIS A 82 -7.81 -3.71 -15.71
C HIS A 82 -7.31 -2.35 -16.20
N TYR A 83 -7.52 -2.06 -17.47
CA TYR A 83 -7.07 -0.80 -18.03
C TYR A 83 -7.79 0.39 -17.40
N ALA A 84 -9.07 0.22 -17.11
CA ALA A 84 -9.83 1.30 -16.50
C ALA A 84 -9.22 1.65 -15.16
N ILE A 85 -8.81 0.62 -14.42
CA ILE A 85 -8.21 0.82 -13.11
C ILE A 85 -6.83 1.44 -13.21
N ALA A 86 -6.12 1.17 -14.30
CA ALA A 86 -4.80 1.77 -14.49
C ALA A 86 -5.00 3.24 -14.87
N GLU A 87 -6.02 3.52 -15.67
CA GLU A 87 -6.30 4.89 -16.07
C GLU A 87 -6.70 5.73 -14.85
N LEU A 88 -7.38 5.10 -13.90
CA LEU A 88 -7.77 5.80 -12.69
C LEU A 88 -6.56 6.18 -11.86
N GLU A 89 -5.51 5.36 -11.92
CA GLU A 89 -4.28 5.64 -11.19
C GLU A 89 -3.52 6.80 -11.84
N ARG A 90 -3.52 6.84 -13.16
CA ARG A 90 -2.85 7.91 -13.90
C ARG A 90 -3.53 9.25 -13.64
N MET A 91 -4.84 9.20 -13.40
CA MET A 91 -5.63 10.38 -13.14
C MET A 91 -5.48 10.92 -11.71
N GLY A 92 -4.75 10.19 -10.86
CA GLY A 92 -4.55 10.64 -9.50
C GLY A 92 -5.65 10.27 -8.51
N ILE A 93 -6.54 9.37 -8.89
CA ILE A 93 -7.61 8.94 -8.01
C ILE A 93 -7.23 7.65 -7.28
N VAL A 94 -6.92 6.60 -8.03
CA VAL A 94 -6.51 5.31 -7.45
C VAL A 94 -5.03 5.34 -7.04
N LYS A 95 -4.78 5.06 -5.77
CA LYS A 95 -3.43 5.06 -5.24
C LYS A 95 -2.87 3.67 -5.02
N ALA A 96 -3.75 2.68 -5.06
CA ALA A 96 -3.30 1.31 -4.87
C ALA A 96 -4.33 0.30 -5.31
N VAL A 97 -3.83 -0.87 -5.71
CA VAL A 97 -4.67 -1.98 -6.12
C VAL A 97 -4.29 -3.15 -5.23
N ILE A 98 -5.28 -3.75 -4.60
CA ILE A 98 -5.06 -4.92 -3.76
C ILE A 98 -5.78 -6.04 -4.51
N THR A 99 -5.06 -7.11 -4.81
CA THR A 99 -5.70 -8.20 -5.53
C THR A 99 -5.38 -9.55 -4.91
N GLN A 100 -6.25 -10.51 -5.19
CA GLN A 100 -6.07 -11.89 -4.72
C GLN A 100 -5.65 -12.75 -5.91
N ASN A 101 -5.67 -12.17 -7.10
CA ASN A 101 -5.30 -12.89 -8.31
C ASN A 101 -3.78 -13.04 -8.41
N ILE A 102 -3.34 -14.08 -9.11
CA ILE A 102 -1.92 -14.33 -9.29
C ILE A 102 -1.55 -14.15 -10.76
N ASP A 103 -2.46 -13.62 -11.55
CA ASP A 103 -2.24 -13.45 -12.98
C ASP A 103 -1.43 -12.24 -13.44
N MET A 104 -1.21 -11.28 -12.55
CA MET A 104 -0.43 -10.09 -12.89
C MET A 104 -1.00 -9.21 -14.00
N LEU A 105 -2.30 -9.34 -14.27
CA LEU A 105 -2.93 -8.55 -15.30
C LEU A 105 -3.02 -7.07 -14.94
N HIS A 106 -2.93 -6.75 -13.65
CA HIS A 106 -2.97 -5.34 -13.24
C HIS A 106 -1.67 -4.65 -13.63
N GLN A 107 -0.53 -5.29 -13.36
CA GLN A 107 0.76 -4.70 -13.71
C GLN A 107 0.93 -4.59 -15.23
N ARG A 108 0.54 -5.63 -15.96
CA ARG A 108 0.64 -5.61 -17.41
C ARG A 108 -0.27 -4.57 -18.02
N ALA A 109 -1.24 -4.09 -17.24
CA ALA A 109 -2.18 -3.07 -17.69
C ALA A 109 -1.69 -1.68 -17.33
N GLY A 110 -0.60 -1.59 -16.57
CA GLY A 110 -0.07 -0.29 -16.22
C GLY A 110 -0.19 0.15 -14.77
N SER A 111 -0.82 -0.66 -13.91
CA SER A 111 -0.91 -0.27 -12.52
C SER A 111 0.47 -0.31 -11.91
N ARG A 112 0.83 0.76 -11.20
CA ARG A 112 2.15 0.85 -10.60
C ARG A 112 2.23 0.32 -9.17
N ARG A 113 1.09 0.20 -8.50
CA ARG A 113 1.10 -0.28 -7.12
C ARG A 113 0.09 -1.41 -6.96
N VAL A 114 0.60 -2.63 -6.91
CA VAL A 114 -0.24 -3.80 -6.80
C VAL A 114 0.20 -4.66 -5.63
N LEU A 115 -0.68 -4.79 -4.66
CA LEU A 115 -0.43 -5.59 -3.47
C LEU A 115 -1.02 -6.97 -3.74
N GLU A 116 -0.18 -7.97 -3.92
CA GLU A 116 -0.66 -9.32 -4.23
C GLU A 116 -0.76 -10.23 -3.01
N LEU A 117 -1.97 -10.32 -2.46
CA LEU A 117 -2.23 -11.13 -1.26
C LEU A 117 -1.92 -12.62 -1.36
N HIS A 118 -1.99 -13.19 -2.57
CA HIS A 118 -1.71 -14.61 -2.72
C HIS A 118 -0.45 -14.86 -3.55
N GLY A 119 0.38 -13.83 -3.71
CA GLY A 119 1.58 -13.97 -4.50
C GLY A 119 1.30 -13.88 -5.98
N SER A 120 2.19 -14.42 -6.81
CA SER A 120 1.98 -14.40 -8.25
C SER A 120 2.84 -15.42 -9.01
N MET A 121 2.51 -15.60 -10.28
CA MET A 121 3.22 -16.53 -11.16
C MET A 121 4.48 -15.92 -11.78
N ASP A 122 4.80 -14.67 -11.42
CA ASP A 122 5.97 -13.99 -11.96
C ASP A 122 7.26 -14.81 -11.91
N LYS A 123 7.59 -15.35 -10.74
CA LYS A 123 8.83 -16.11 -10.60
C LYS A 123 8.71 -17.44 -9.88
N LEU A 124 9.69 -18.31 -10.15
CA LEU A 124 9.75 -19.63 -9.55
C LEU A 124 11.14 -19.84 -8.95
N ASP A 125 11.22 -20.69 -7.92
CA ASP A 125 12.49 -20.97 -7.26
C ASP A 125 12.73 -22.47 -7.15
N CYS A 126 13.97 -22.89 -7.43
CA CYS A 126 14.30 -24.29 -7.28
C CYS A 126 14.57 -24.44 -5.78
N LEU A 127 13.92 -25.40 -5.14
CA LEU A 127 14.12 -25.58 -3.69
C LEU A 127 15.44 -26.25 -3.33
N ASP A 128 16.11 -26.85 -4.31
CA ASP A 128 17.38 -27.53 -4.03
C ASP A 128 18.62 -26.65 -4.19
N CYS A 129 18.74 -25.97 -5.33
CA CYS A 129 19.91 -25.14 -5.57
C CYS A 129 19.67 -23.63 -5.44
N HIS A 130 18.41 -23.23 -5.37
CA HIS A 130 18.05 -21.82 -5.21
C HIS A 130 18.10 -20.96 -6.45
N GLU A 131 18.07 -21.60 -7.61
CA GLU A 131 18.07 -20.85 -8.85
C GLU A 131 16.68 -20.23 -8.96
N THR A 132 16.58 -19.04 -9.52
CA THR A 132 15.26 -18.44 -9.70
C THR A 132 15.04 -18.28 -11.19
N TYR A 133 13.79 -18.38 -11.62
CA TYR A 133 13.43 -18.26 -13.02
C TYR A 133 12.20 -17.40 -13.14
N ASP A 134 11.97 -16.89 -14.35
CA ASP A 134 10.77 -16.10 -14.63
C ASP A 134 9.83 -17.13 -15.25
N TRP A 135 8.53 -17.00 -14.99
CA TRP A 135 7.55 -17.93 -15.52
C TRP A 135 7.70 -18.16 -17.03
N SER A 136 8.15 -17.13 -17.74
CA SER A 136 8.34 -17.19 -19.18
C SER A 136 9.33 -18.25 -19.67
N GLU A 137 10.23 -18.69 -18.80
CA GLU A 137 11.22 -19.70 -19.19
C GLU A 137 10.62 -21.09 -19.21
N PHE A 138 9.44 -21.25 -18.62
CA PHE A 138 8.79 -22.56 -18.55
C PHE A 138 7.44 -22.62 -19.24
N VAL A 139 6.76 -21.49 -19.35
CA VAL A 139 5.41 -21.42 -19.94
C VAL A 139 5.18 -22.33 -21.13
N GLU A 140 5.95 -22.12 -22.19
CA GLU A 140 5.82 -22.91 -23.40
C GLU A 140 5.98 -24.41 -23.18
N ASP A 141 6.99 -24.83 -22.43
CA ASP A 141 7.18 -26.25 -22.18
C ASP A 141 6.01 -26.80 -21.38
N PHE A 142 5.52 -25.99 -20.45
CA PHE A 142 4.39 -26.36 -19.58
C PHE A 142 3.13 -26.56 -20.41
N ASN A 143 2.89 -25.65 -21.35
CA ASN A 143 1.70 -25.75 -22.22
C ASN A 143 1.79 -26.98 -23.11
N LYS A 144 2.99 -27.51 -23.28
CA LYS A 144 3.19 -28.71 -24.09
C LYS A 144 3.04 -29.91 -23.18
N GLY A 145 2.80 -29.65 -21.89
CA GLY A 145 2.63 -30.72 -20.92
C GLY A 145 3.91 -31.18 -20.26
N GLU A 146 4.92 -30.31 -20.23
CA GLU A 146 6.20 -30.65 -19.64
C GLU A 146 6.37 -30.03 -18.25
N ILE A 147 6.60 -30.87 -17.25
CA ILE A 147 6.77 -30.39 -15.89
C ILE A 147 8.05 -29.56 -15.77
N PRO A 148 7.95 -28.33 -15.24
CA PRO A 148 9.15 -27.49 -15.09
C PRO A 148 10.23 -28.20 -14.28
N ARG A 149 11.48 -27.98 -14.67
CA ARG A 149 12.61 -28.64 -14.02
C ARG A 149 13.81 -27.72 -14.01
N CYS A 150 14.55 -27.70 -12.91
CA CYS A 150 15.71 -26.82 -12.83
C CYS A 150 16.74 -27.18 -13.89
N ARG A 151 17.19 -26.18 -14.63
CA ARG A 151 18.18 -26.37 -15.69
C ARG A 151 19.60 -26.38 -15.14
N LYS A 152 19.76 -25.99 -13.87
CA LYS A 152 21.07 -25.97 -13.25
C LYS A 152 21.43 -27.23 -12.49
N CYS A 153 20.50 -27.74 -11.68
CA CYS A 153 20.76 -28.95 -10.91
C CYS A 153 19.84 -30.09 -11.33
N GLY A 154 18.91 -29.80 -12.23
CA GLY A 154 17.98 -30.81 -12.70
C GLY A 154 16.90 -31.23 -11.72
N SER A 155 16.71 -30.47 -10.64
CA SER A 155 15.68 -30.80 -9.66
C SER A 155 14.26 -30.57 -10.20
N TYR A 156 13.29 -31.30 -9.66
CA TYR A 156 11.91 -31.13 -10.07
C TYR A 156 11.14 -30.27 -9.07
N TYR A 157 11.83 -29.76 -8.05
CA TYR A 157 11.17 -28.93 -7.06
C TYR A 157 11.32 -27.45 -7.39
N VAL A 158 10.66 -27.03 -8.47
CA VAL A 158 10.71 -25.64 -8.88
C VAL A 158 9.36 -25.09 -8.48
N LYS A 159 9.36 -24.39 -7.34
CA LYS A 159 8.12 -23.85 -6.78
C LYS A 159 7.81 -22.41 -7.18
N PRO A 160 6.60 -22.18 -7.69
CA PRO A 160 6.22 -20.83 -8.09
C PRO A 160 5.95 -20.02 -6.81
N ARG A 161 6.08 -18.70 -6.89
CA ARG A 161 5.86 -17.84 -5.73
C ARG A 161 4.41 -17.48 -5.44
N VAL A 162 3.58 -18.50 -5.27
CA VAL A 162 2.17 -18.31 -4.96
C VAL A 162 1.92 -18.97 -3.64
N VAL A 163 0.94 -18.48 -2.90
CA VAL A 163 0.64 -19.07 -1.59
C VAL A 163 -0.07 -20.40 -1.76
N LEU A 164 0.42 -21.42 -1.06
CA LEU A 164 -0.16 -22.75 -1.10
C LEU A 164 -0.75 -23.06 0.26
N PHE A 165 -1.55 -24.13 0.33
CA PHE A 165 -2.13 -24.51 1.61
C PHE A 165 -0.97 -24.83 2.54
N GLY A 166 -1.11 -24.47 3.81
CA GLY A 166 -0.06 -24.78 4.76
C GLY A 166 0.98 -23.70 4.97
N GLU A 167 0.99 -22.68 4.12
CA GLU A 167 1.95 -21.62 4.29
C GLU A 167 1.23 -20.32 4.60
N PRO A 168 1.90 -19.41 5.30
CA PRO A 168 1.30 -18.12 5.65
C PRO A 168 1.12 -17.15 4.51
N LEU A 169 0.18 -16.22 4.68
CA LEU A 169 -0.07 -15.17 3.71
C LEU A 169 1.11 -14.22 3.85
N PRO A 170 1.52 -13.57 2.75
CA PRO A 170 2.65 -12.65 2.87
C PRO A 170 2.30 -11.51 3.83
N GLN A 171 2.79 -11.61 5.06
CA GLN A 171 2.53 -10.65 6.13
C GLN A 171 2.75 -9.18 5.82
N ARG A 172 3.90 -8.86 5.25
CA ARG A 172 4.20 -7.47 4.95
C ARG A 172 3.28 -6.88 3.89
N THR A 173 2.89 -7.68 2.90
CA THR A 173 1.99 -7.19 1.88
C THR A 173 0.62 -7.04 2.52
N LEU A 174 0.23 -8.04 3.29
CA LEU A 174 -1.06 -8.01 3.96
C LEU A 174 -1.11 -6.78 4.87
N PHE A 175 0.02 -6.48 5.49
CA PHE A 175 0.16 -5.35 6.40
C PHE A 175 -0.08 -4.04 5.64
N GLU A 176 0.51 -3.93 4.46
CA GLU A 176 0.36 -2.75 3.62
C GLU A 176 -1.09 -2.60 3.13
N ALA A 177 -1.74 -3.72 2.82
CA ALA A 177 -3.11 -3.67 2.32
C ALA A 177 -4.08 -3.16 3.40
N ILE A 178 -3.92 -3.67 4.61
CA ILE A 178 -4.74 -3.26 5.74
C ILE A 178 -4.53 -1.78 6.01
N GLU A 179 -3.27 -1.34 5.99
CA GLU A 179 -3.00 0.07 6.21
C GLU A 179 -3.70 0.89 5.13
N GLU A 180 -3.69 0.33 3.92
CA GLU A 180 -4.31 0.95 2.74
C GLU A 180 -5.80 1.13 3.01
N ALA A 181 -6.45 0.08 3.49
CA ALA A 181 -7.87 0.14 3.78
C ALA A 181 -8.20 1.17 4.89
N LYS A 182 -7.26 1.39 5.80
CA LYS A 182 -7.47 2.33 6.92
C LYS A 182 -7.28 3.79 6.59
N HIS A 183 -6.56 4.11 5.52
CA HIS A 183 -6.35 5.50 5.23
C HIS A 183 -6.85 5.97 3.87
N CYS A 184 -7.52 5.09 3.13
CA CYS A 184 -8.07 5.46 1.83
C CYS A 184 -9.35 6.28 2.05
N ASP A 185 -9.81 6.99 1.01
CA ASP A 185 -11.03 7.78 1.13
C ASP A 185 -12.14 7.21 0.27
N ALA A 186 -11.80 6.16 -0.47
CA ALA A 186 -12.75 5.47 -1.33
C ALA A 186 -12.21 4.04 -1.47
N PHE A 187 -13.08 3.07 -1.26
CA PHE A 187 -12.68 1.67 -1.34
C PHE A 187 -13.64 0.97 -2.28
N MET A 188 -13.11 0.44 -3.39
CA MET A 188 -13.95 -0.24 -4.37
C MET A 188 -13.57 -1.71 -4.56
N VAL A 189 -14.57 -2.58 -4.50
CA VAL A 189 -14.38 -4.00 -4.71
C VAL A 189 -14.84 -4.34 -6.12
N VAL A 190 -14.06 -5.15 -6.82
CA VAL A 190 -14.40 -5.56 -8.18
C VAL A 190 -14.12 -7.03 -8.40
N GLY A 191 -15.17 -7.81 -8.63
CA GLY A 191 -15.00 -9.23 -8.88
C GLY A 191 -14.51 -10.10 -7.74
N SER A 192 -15.09 -9.92 -6.56
CA SER A 192 -14.73 -10.73 -5.41
C SER A 192 -15.98 -11.10 -4.63
N SER A 193 -16.10 -12.36 -4.23
CA SER A 193 -17.26 -12.80 -3.48
C SER A 193 -17.15 -12.38 -2.01
N LEU A 194 -15.99 -11.84 -1.64
CA LEU A 194 -15.74 -11.36 -0.28
C LEU A 194 -16.12 -12.39 0.79
N VAL A 195 -15.81 -13.65 0.54
CA VAL A 195 -16.17 -14.71 1.47
C VAL A 195 -15.12 -15.12 2.49
N VAL A 196 -13.85 -15.06 2.12
CA VAL A 196 -12.79 -15.48 3.03
C VAL A 196 -11.74 -14.39 3.31
N TYR A 197 -11.21 -14.40 4.53
CA TYR A 197 -10.19 -13.43 4.91
C TYR A 197 -9.01 -13.63 3.96
N PRO A 198 -8.35 -12.54 3.53
CA PRO A 198 -8.63 -11.15 3.89
C PRO A 198 -9.70 -10.42 3.07
N ALA A 199 -10.09 -10.98 1.93
CA ALA A 199 -11.10 -10.33 1.10
C ALA A 199 -12.35 -10.01 1.90
N ALA A 200 -12.79 -10.94 2.74
CA ALA A 200 -13.98 -10.75 3.53
C ALA A 200 -13.88 -9.67 4.60
N GLU A 201 -12.66 -9.36 5.04
CA GLU A 201 -12.51 -8.37 6.09
C GLU A 201 -12.08 -6.96 5.68
N LEU A 202 -11.21 -6.83 4.67
CA LEU A 202 -10.75 -5.51 4.25
C LEU A 202 -11.88 -4.51 4.04
N PRO A 203 -12.99 -4.93 3.43
CA PRO A 203 -14.10 -3.99 3.22
C PRO A 203 -14.63 -3.40 4.53
N TYR A 204 -14.75 -4.23 5.56
CA TYR A 204 -15.23 -3.79 6.85
C TYR A 204 -14.24 -2.84 7.52
N ILE A 205 -12.95 -3.11 7.31
CA ILE A 205 -11.91 -2.26 7.88
C ILE A 205 -11.97 -0.87 7.27
N ALA A 206 -12.12 -0.80 5.94
CA ALA A 206 -12.21 0.50 5.27
C ALA A 206 -13.50 1.21 5.69
N LYS A 207 -14.57 0.45 5.84
CA LYS A 207 -15.85 1.00 6.24
C LYS A 207 -15.77 1.69 7.60
N LYS A 208 -15.05 1.07 8.53
CA LYS A 208 -14.91 1.60 9.88
C LYS A 208 -14.08 2.89 9.88
N ALA A 209 -13.09 2.92 8.99
CA ALA A 209 -12.20 4.07 8.86
C ALA A 209 -12.89 5.29 8.23
N GLY A 210 -14.06 5.08 7.63
CA GLY A 210 -14.78 6.19 7.02
C GLY A 210 -14.74 6.28 5.50
N ALA A 211 -14.17 5.27 4.84
CA ALA A 211 -14.10 5.29 3.39
C ALA A 211 -15.46 5.11 2.75
N LYS A 212 -15.62 5.67 1.55
CA LYS A 212 -16.86 5.53 0.79
C LYS A 212 -16.70 4.17 0.12
N MET A 213 -17.73 3.35 0.22
CA MET A 213 -17.66 2.00 -0.33
C MET A 213 -18.43 1.80 -1.63
N ILE A 214 -17.76 1.17 -2.60
CA ILE A 214 -18.33 0.89 -3.91
C ILE A 214 -18.04 -0.57 -4.27
N ILE A 215 -19.00 -1.27 -4.85
CA ILE A 215 -18.75 -2.64 -5.25
C ILE A 215 -19.35 -2.91 -6.63
N VAL A 216 -18.60 -3.62 -7.45
CA VAL A 216 -19.03 -3.99 -8.79
C VAL A 216 -18.80 -5.49 -8.85
N ASN A 217 -19.88 -6.25 -8.84
CA ASN A 217 -19.76 -7.68 -8.87
C ASN A 217 -20.89 -8.28 -9.69
N ALA A 218 -20.67 -9.47 -10.24
CA ALA A 218 -21.68 -10.13 -11.05
C ALA A 218 -22.82 -10.64 -10.17
N GLU A 219 -22.51 -10.90 -8.91
CA GLU A 219 -23.49 -11.40 -7.97
C GLU A 219 -23.38 -10.69 -6.63
N PRO A 220 -24.48 -10.63 -5.87
CA PRO A 220 -24.45 -9.96 -4.58
C PRO A 220 -23.64 -10.78 -3.58
N THR A 221 -23.17 -10.11 -2.54
CA THR A 221 -22.39 -10.76 -1.49
C THR A 221 -23.01 -10.38 -0.16
N MET A 222 -22.63 -11.09 0.90
CA MET A 222 -23.16 -10.81 2.23
C MET A 222 -22.66 -9.47 2.78
N ALA A 223 -21.65 -8.89 2.14
CA ALA A 223 -21.13 -7.60 2.60
C ALA A 223 -21.78 -6.41 1.90
N ASP A 224 -22.62 -6.68 0.91
CA ASP A 224 -23.30 -5.61 0.16
C ASP A 224 -23.90 -4.47 0.99
N PRO A 225 -24.56 -4.80 2.12
CA PRO A 225 -25.18 -3.78 2.97
C PRO A 225 -24.32 -2.59 3.41
N ILE A 226 -23.02 -2.80 3.58
CA ILE A 226 -22.14 -1.70 3.99
C ILE A 226 -21.70 -0.80 2.84
N PHE A 227 -21.96 -1.22 1.62
CA PHE A 227 -21.57 -0.44 0.45
C PHE A 227 -22.53 0.71 0.10
N ASP A 228 -21.97 1.89 -0.17
CA ASP A 228 -22.75 3.07 -0.53
C ASP A 228 -23.33 2.88 -1.92
N VAL A 229 -22.52 2.32 -2.82
CA VAL A 229 -22.95 2.05 -4.18
C VAL A 229 -22.62 0.62 -4.52
N LYS A 230 -23.58 -0.08 -5.09
CA LYS A 230 -23.37 -1.46 -5.49
C LYS A 230 -23.94 -1.67 -6.89
N ILE A 231 -23.10 -2.21 -7.77
CA ILE A 231 -23.48 -2.42 -9.15
C ILE A 231 -23.40 -3.89 -9.55
N ILE A 232 -24.44 -4.40 -10.18
CA ILE A 232 -24.46 -5.79 -10.65
C ILE A 232 -24.18 -5.79 -12.15
N GLY A 233 -23.14 -6.51 -12.56
CA GLY A 233 -22.78 -6.58 -13.97
C GLY A 233 -21.35 -7.03 -14.16
N LYS A 234 -20.86 -6.96 -15.40
CA LYS A 234 -19.49 -7.37 -15.70
C LYS A 234 -18.49 -6.23 -15.55
N ALA A 235 -17.36 -6.53 -14.93
CA ALA A 235 -16.32 -5.54 -14.69
C ALA A 235 -15.79 -4.92 -15.98
N GLY A 236 -15.54 -5.76 -16.97
CA GLY A 236 -15.03 -5.29 -18.24
C GLY A 236 -15.96 -4.29 -18.90
N GLU A 237 -17.22 -4.32 -18.51
CA GLU A 237 -18.19 -3.42 -19.10
C GLU A 237 -18.47 -2.22 -18.19
N VAL A 238 -18.67 -2.48 -16.90
CA VAL A 238 -18.97 -1.41 -15.97
C VAL A 238 -17.81 -0.44 -15.69
N LEU A 239 -16.63 -0.98 -15.43
CA LEU A 239 -15.48 -0.13 -15.12
C LEU A 239 -15.19 0.98 -16.14
N PRO A 240 -15.10 0.64 -17.44
CA PRO A 240 -14.84 1.71 -18.42
C PRO A 240 -15.93 2.78 -18.46
N LYS A 241 -17.17 2.41 -18.14
CA LYS A 241 -18.28 3.37 -18.13
C LYS A 241 -18.03 4.38 -17.01
N ILE A 242 -17.66 3.87 -15.84
CA ILE A 242 -17.39 4.70 -14.67
C ILE A 242 -16.25 5.68 -14.92
N VAL A 243 -15.19 5.21 -15.57
CA VAL A 243 -14.05 6.05 -15.84
C VAL A 243 -14.43 7.19 -16.78
N GLU A 244 -15.25 6.88 -17.78
CA GLU A 244 -15.69 7.89 -18.74
C GLU A 244 -16.46 8.99 -18.03
N GLU A 245 -17.35 8.60 -17.12
CA GLU A 245 -18.16 9.55 -16.37
C GLU A 245 -17.30 10.40 -15.44
N VAL A 246 -16.19 9.83 -14.97
CA VAL A 246 -15.30 10.55 -14.08
C VAL A 246 -14.57 11.62 -14.87
N LYS A 247 -14.16 11.26 -16.08
CA LYS A 247 -13.46 12.19 -16.95
C LYS A 247 -14.40 13.34 -17.32
N ARG A 248 -15.67 13.00 -17.55
CA ARG A 248 -16.68 13.99 -17.92
C ARG A 248 -16.93 14.96 -16.78
N LEU A 249 -17.01 14.44 -15.56
CA LEU A 249 -17.23 15.28 -14.40
C LEU A 249 -16.02 16.18 -14.19
N ARG A 250 -14.83 15.62 -14.42
CA ARG A 250 -13.57 16.36 -14.27
C ARG A 250 -13.54 17.53 -15.24
N SER A 251 -13.73 17.23 -16.52
CA SER A 251 -13.73 18.24 -17.58
C SER A 251 -15.12 18.85 -17.67
N GLU A 252 -15.53 19.55 -16.61
CA GLU A 252 -16.85 20.17 -16.54
C GLU A 252 -16.96 21.02 -15.27
N MET B 1 -31.41 -33.50 11.30
CA MET B 1 -29.96 -33.70 11.62
C MET B 1 -29.09 -33.51 10.38
N GLU B 2 -28.14 -32.59 10.45
CA GLU B 2 -27.23 -32.35 9.34
C GLU B 2 -26.25 -33.52 9.31
N ASP B 3 -25.92 -34.00 8.13
CA ASP B 3 -25.01 -35.14 8.01
C ASP B 3 -23.63 -34.85 8.60
N GLU B 4 -23.11 -33.64 8.37
CA GLU B 4 -21.80 -33.29 8.89
C GLU B 4 -21.75 -33.29 10.42
N ILE B 5 -22.88 -33.00 11.07
CA ILE B 5 -22.92 -33.03 12.53
C ILE B 5 -22.74 -34.48 12.98
N ARG B 6 -23.41 -35.39 12.28
CA ARG B 6 -23.34 -36.81 12.57
C ARG B 6 -21.90 -37.29 12.37
N LYS B 7 -21.30 -36.87 11.26
CA LYS B 7 -19.93 -37.25 10.92
C LYS B 7 -18.94 -36.78 11.99
N ALA B 8 -19.14 -35.55 12.46
CA ALA B 8 -18.28 -34.97 13.49
C ALA B 8 -18.43 -35.77 14.78
N ALA B 9 -19.65 -36.18 15.11
CA ALA B 9 -19.87 -36.95 16.33
C ALA B 9 -19.21 -38.32 16.21
N GLU B 10 -19.21 -38.89 15.01
CA GLU B 10 -18.60 -40.20 14.82
C GLU B 10 -17.10 -40.16 15.08
N ILE B 11 -16.46 -39.07 14.68
CA ILE B 11 -15.02 -38.93 14.89
C ILE B 11 -14.71 -38.79 16.38
N LEU B 12 -15.44 -37.90 17.05
CA LEU B 12 -15.22 -37.66 18.47
C LEU B 12 -15.49 -38.90 19.30
N ALA B 13 -16.54 -39.64 18.95
CA ALA B 13 -16.90 -40.86 19.67
C ALA B 13 -15.78 -41.88 19.74
N LYS B 14 -14.90 -41.88 18.73
CA LYS B 14 -13.78 -42.82 18.69
C LYS B 14 -12.46 -42.21 19.14
N SER B 15 -12.53 -41.03 19.75
CA SER B 15 -11.32 -40.35 20.21
C SER B 15 -11.15 -40.36 21.71
N LYS B 16 -9.91 -40.41 22.17
CA LYS B 16 -9.63 -40.40 23.60
C LYS B 16 -8.64 -39.31 23.94
N HIS B 17 -8.31 -38.48 22.95
CA HIS B 17 -7.40 -37.36 23.15
C HIS B 17 -7.68 -36.24 22.13
N ALA B 18 -8.92 -35.80 22.09
CA ALA B 18 -9.32 -34.75 21.17
C ALA B 18 -8.90 -33.39 21.73
N VAL B 19 -8.51 -32.50 20.83
CA VAL B 19 -8.11 -31.15 21.22
C VAL B 19 -9.00 -30.14 20.50
N VAL B 20 -9.51 -29.17 21.25
CA VAL B 20 -10.38 -28.13 20.70
C VAL B 20 -9.71 -26.77 20.71
N PHE B 21 -9.65 -26.14 19.53
CA PHE B 21 -9.04 -24.83 19.38
C PHE B 21 -10.20 -23.84 19.20
N THR B 22 -10.20 -22.77 19.99
CA THR B 22 -11.28 -21.80 19.88
C THR B 22 -10.83 -20.36 19.65
N GLY B 23 -11.70 -19.61 18.98
CA GLY B 23 -11.46 -18.21 18.69
C GLY B 23 -12.60 -17.36 19.22
N ALA B 24 -12.58 -16.07 18.91
CA ALA B 24 -13.60 -15.14 19.37
C ALA B 24 -15.01 -15.61 19.04
N GLY B 25 -15.13 -16.35 17.93
CA GLY B 25 -16.42 -16.83 17.49
C GLY B 25 -17.19 -17.65 18.50
N ILE B 26 -16.49 -18.41 19.33
CA ILE B 26 -17.19 -19.24 20.31
C ILE B 26 -17.78 -18.45 21.48
N SER B 27 -17.35 -17.20 21.67
CA SER B 27 -17.87 -16.38 22.76
C SER B 27 -18.81 -15.27 22.25
N ALA B 28 -19.05 -15.23 20.95
CA ALA B 28 -19.93 -14.19 20.39
C ALA B 28 -21.35 -14.32 20.97
N GLU B 29 -21.82 -15.55 21.10
CA GLU B 29 -23.16 -15.81 21.63
C GLU B 29 -23.26 -15.53 23.13
N SER B 30 -22.11 -15.32 23.76
CA SER B 30 -22.09 -15.01 25.18
C SER B 30 -22.21 -13.50 25.37
N GLY B 31 -22.14 -12.76 24.27
CA GLY B 31 -22.24 -11.31 24.34
C GLY B 31 -20.94 -10.57 24.04
N ILE B 32 -19.84 -11.29 23.87
CA ILE B 32 -18.57 -10.66 23.57
C ILE B 32 -18.36 -10.65 22.07
N PRO B 33 -18.55 -9.49 21.44
CA PRO B 33 -18.38 -9.38 19.97
C PRO B 33 -16.94 -9.63 19.50
N THR B 34 -16.81 -10.20 18.30
CA THR B 34 -15.50 -10.47 17.72
C THR B 34 -14.95 -9.17 17.12
N PHE B 35 -13.76 -9.26 16.52
CA PHE B 35 -13.12 -8.10 15.92
C PHE B 35 -13.34 -8.09 14.41
N ARG B 36 -14.14 -9.03 13.93
CA ARG B 36 -14.41 -9.17 12.49
C ARG B 36 -15.84 -8.81 12.05
N GLY B 37 -15.98 -8.61 10.74
CA GLY B 37 -17.27 -8.30 10.16
C GLY B 37 -18.12 -7.26 10.86
N GLU B 38 -19.41 -7.55 11.00
CA GLU B 38 -20.33 -6.64 11.64
C GLU B 38 -19.94 -6.40 13.10
N ASP B 39 -19.52 -7.44 13.81
CA ASP B 39 -19.08 -7.27 15.19
C ASP B 39 -17.97 -6.21 15.27
N GLY B 40 -16.92 -6.40 14.47
CA GLY B 40 -15.81 -5.44 14.47
C GLY B 40 -16.24 -4.04 14.10
N LEU B 41 -17.16 -3.95 13.14
CA LEU B 41 -17.66 -2.66 12.69
C LEU B 41 -18.51 -1.99 13.75
N TRP B 42 -19.26 -2.82 14.49
CA TRP B 42 -20.15 -2.34 15.55
C TRP B 42 -19.33 -1.87 16.76
N ARG B 43 -18.23 -2.57 17.03
CA ARG B 43 -17.35 -2.24 18.15
C ARG B 43 -16.81 -0.81 18.11
N LYS B 44 -16.61 -0.24 19.28
CA LYS B 44 -16.06 1.11 19.42
C LYS B 44 -14.54 1.04 19.30
N TYR B 45 -13.94 2.07 18.71
CA TYR B 45 -12.49 2.15 18.57
C TYR B 45 -11.87 1.12 17.63
N ASP B 46 -10.56 1.26 17.44
CA ASP B 46 -9.76 0.35 16.62
C ASP B 46 -8.96 -0.48 17.63
N PRO B 47 -9.14 -1.80 17.62
CA PRO B 47 -8.41 -2.67 18.56
C PRO B 47 -6.90 -2.42 18.69
N GLU B 48 -6.20 -2.29 17.56
CA GLU B 48 -4.75 -2.06 17.59
C GLU B 48 -4.32 -0.78 18.28
N GLU B 49 -5.20 0.21 18.35
CA GLU B 49 -4.86 1.46 19.01
C GLU B 49 -5.15 1.42 20.50
N VAL B 50 -6.37 1.07 20.87
CA VAL B 50 -6.75 1.06 22.28
C VAL B 50 -6.29 -0.15 23.10
N ALA B 51 -6.15 -1.30 22.45
CA ALA B 51 -5.76 -2.51 23.15
C ALA B 51 -4.31 -2.94 22.96
N SER B 52 -3.42 -1.95 22.85
CA SER B 52 -1.99 -2.21 22.69
C SER B 52 -1.38 -1.81 24.02
N ILE B 53 -0.13 -2.20 24.23
CA ILE B 53 0.55 -1.86 25.48
C ILE B 53 0.66 -0.33 25.64
N SER B 54 0.86 0.38 24.54
CA SER B 54 0.98 1.83 24.61
C SER B 54 -0.38 2.49 24.79
N GLY B 55 -1.41 1.90 24.18
CA GLY B 55 -2.75 2.45 24.31
C GLY B 55 -3.22 2.31 25.75
N PHE B 56 -2.88 1.19 26.36
CA PHE B 56 -3.25 0.93 27.76
C PHE B 56 -2.62 1.96 28.68
N LYS B 57 -1.35 2.26 28.43
CA LYS B 57 -0.63 3.24 29.24
C LYS B 57 -1.13 4.67 29.05
N ARG B 58 -1.43 5.06 27.81
CA ARG B 58 -1.91 6.41 27.59
C ARG B 58 -3.39 6.59 27.90
N ASN B 59 -4.22 5.62 27.52
CA ASN B 59 -5.65 5.74 27.77
C ASN B 59 -6.27 4.46 28.34
N PRO B 60 -6.06 4.21 29.64
CA PRO B 60 -6.62 3.02 30.31
C PRO B 60 -8.15 2.99 30.36
N ARG B 61 -8.79 4.16 30.34
CA ARG B 61 -10.25 4.20 30.39
C ARG B 61 -10.81 3.71 29.05
N ALA B 62 -10.12 4.03 27.96
CA ALA B 62 -10.56 3.61 26.62
C ALA B 62 -10.34 2.11 26.49
N PHE B 63 -9.25 1.65 27.08
CA PHE B 63 -8.88 0.24 27.07
C PHE B 63 -9.96 -0.61 27.72
N TRP B 64 -10.35 -0.24 28.93
CA TRP B 64 -11.38 -0.98 29.65
C TRP B 64 -12.74 -0.86 28.97
N GLU B 65 -13.03 0.31 28.41
CA GLU B 65 -14.29 0.49 27.72
C GLU B 65 -14.35 -0.50 26.56
N PHE B 66 -13.28 -0.55 25.77
CA PHE B 66 -13.20 -1.46 24.65
C PHE B 66 -13.29 -2.92 25.09
N SER B 67 -12.47 -3.27 26.06
CA SER B 67 -12.43 -4.64 26.57
C SER B 67 -13.73 -5.18 27.16
N MET B 68 -14.48 -4.32 27.83
CA MET B 68 -15.73 -4.76 28.45
C MET B 68 -16.97 -4.56 27.60
N GLU B 69 -16.81 -4.14 26.36
CA GLU B 69 -17.97 -3.92 25.51
C GLU B 69 -18.74 -5.20 25.22
N MET B 70 -20.05 -5.14 25.41
CA MET B 70 -20.94 -6.27 25.19
C MET B 70 -21.91 -5.99 24.05
N LYS B 71 -22.40 -7.03 23.41
CA LYS B 71 -23.34 -6.87 22.31
C LYS B 71 -24.40 -7.94 22.47
N ASP B 72 -25.66 -7.53 22.44
CA ASP B 72 -26.80 -8.43 22.58
C ASP B 72 -26.97 -9.00 23.98
N LYS B 73 -26.07 -8.64 24.89
CA LYS B 73 -26.13 -9.09 26.27
C LYS B 73 -25.39 -8.08 27.15
N LEU B 74 -25.76 -8.00 28.42
CA LEU B 74 -25.14 -7.01 29.32
C LEU B 74 -23.94 -7.51 30.13
N PHE B 75 -23.88 -8.81 30.37
CA PHE B 75 -22.75 -9.40 31.10
C PHE B 75 -22.52 -10.78 30.50
N ALA B 76 -21.25 -11.19 30.43
CA ALA B 76 -20.90 -12.45 29.81
C ALA B 76 -20.78 -13.68 30.69
N GLU B 77 -21.38 -14.77 30.21
CA GLU B 77 -21.30 -16.05 30.88
C GLU B 77 -21.19 -17.13 29.81
N PRO B 78 -20.74 -18.34 30.17
CA PRO B 78 -20.61 -19.42 29.20
C PRO B 78 -21.89 -19.65 28.41
N ASN B 79 -21.76 -19.88 27.10
CA ASN B 79 -22.94 -20.18 26.30
C ASN B 79 -22.88 -21.70 26.09
N PRO B 80 -23.91 -22.29 25.45
CA PRO B 80 -23.94 -23.74 25.21
C PRO B 80 -22.68 -24.40 24.62
N ALA B 81 -21.92 -23.64 23.84
CA ALA B 81 -20.70 -24.18 23.25
C ALA B 81 -19.64 -24.50 24.32
N HIS B 82 -19.40 -23.56 25.22
CA HIS B 82 -18.42 -23.79 26.29
C HIS B 82 -18.80 -25.03 27.12
N TYR B 83 -20.10 -25.16 27.45
CA TYR B 83 -20.55 -26.32 28.23
C TYR B 83 -20.41 -27.61 27.44
N ALA B 84 -20.74 -27.56 26.15
CA ALA B 84 -20.63 -28.74 25.31
C ALA B 84 -19.20 -29.26 25.33
N ILE B 85 -18.24 -28.34 25.21
CA ILE B 85 -16.84 -28.71 25.21
C ILE B 85 -16.41 -29.27 26.57
N ALA B 86 -16.93 -28.70 27.65
CA ALA B 86 -16.60 -29.16 29.00
C ALA B 86 -17.17 -30.55 29.23
N GLU B 87 -18.34 -30.79 28.67
CA GLU B 87 -19.01 -32.08 28.79
C GLU B 87 -18.17 -33.14 28.07
N LEU B 88 -17.60 -32.77 26.93
CA LEU B 88 -16.78 -33.70 26.16
C LEU B 88 -15.53 -34.11 26.93
N GLU B 89 -15.09 -33.25 27.83
CA GLU B 89 -13.92 -33.57 28.63
C GLU B 89 -14.36 -34.57 29.70
N ARG B 90 -15.56 -34.36 30.21
CA ARG B 90 -16.12 -35.23 31.23
C ARG B 90 -16.33 -36.63 30.65
N MET B 91 -16.73 -36.69 29.39
CA MET B 91 -16.97 -37.96 28.72
C MET B 91 -15.68 -38.71 28.37
N GLY B 92 -14.53 -38.14 28.74
CA GLY B 92 -13.26 -38.79 28.46
C GLY B 92 -12.80 -38.68 27.01
N ILE B 93 -13.34 -37.71 26.27
CA ILE B 93 -12.99 -37.51 24.88
C ILE B 93 -12.01 -36.34 24.68
N VAL B 94 -12.43 -35.14 25.06
CA VAL B 94 -11.58 -33.96 24.94
C VAL B 94 -10.61 -33.88 26.11
N LYS B 95 -9.33 -33.68 25.79
CA LYS B 95 -8.28 -33.60 26.81
C LYS B 95 -7.63 -32.22 26.91
N ALA B 96 -7.92 -31.35 25.96
CA ALA B 96 -7.36 -30.00 26.00
C ALA B 96 -8.12 -28.97 25.18
N VAL B 97 -8.17 -27.76 25.70
CA VAL B 97 -8.78 -26.68 24.98
C VAL B 97 -7.67 -25.68 24.75
N ILE B 98 -7.50 -25.26 23.51
CA ILE B 98 -6.49 -24.26 23.16
C ILE B 98 -7.33 -23.05 22.75
N THR B 99 -7.14 -21.94 23.44
CA THR B 99 -7.94 -20.77 23.12
C THR B 99 -7.12 -19.51 23.00
N GLN B 100 -7.62 -18.59 22.20
CA GLN B 100 -6.98 -17.30 22.02
C GLN B 100 -7.84 -16.27 22.74
N ASN B 101 -8.91 -16.75 23.37
CA ASN B 101 -9.82 -15.89 24.11
C ASN B 101 -9.31 -15.60 25.52
N ILE B 102 -9.60 -14.42 26.02
CA ILE B 102 -9.15 -14.00 27.34
C ILE B 102 -10.32 -13.87 28.32
N ASP B 103 -11.49 -14.33 27.89
CA ASP B 103 -12.70 -14.23 28.69
C ASP B 103 -12.93 -15.26 29.80
N MET B 104 -12.03 -16.23 29.91
CA MET B 104 -12.15 -17.25 30.96
C MET B 104 -13.42 -18.11 30.88
N LEU B 105 -14.25 -17.93 29.85
CA LEU B 105 -15.49 -18.70 29.74
C LEU B 105 -15.36 -20.23 29.73
N HIS B 106 -14.29 -20.76 29.13
CA HIS B 106 -14.07 -22.20 29.09
C HIS B 106 -13.93 -22.78 30.51
N GLN B 107 -13.20 -22.07 31.38
CA GLN B 107 -13.02 -22.54 32.75
C GLN B 107 -14.29 -22.35 33.59
N ARG B 108 -15.00 -21.25 33.37
CA ARG B 108 -16.22 -21.01 34.12
C ARG B 108 -17.22 -22.11 33.72
N ALA B 109 -17.02 -22.69 32.55
CA ALA B 109 -17.89 -23.74 32.05
C ALA B 109 -17.48 -25.14 32.55
N GLY B 110 -16.33 -25.23 33.22
CA GLY B 110 -15.88 -26.52 33.73
C GLY B 110 -14.72 -27.22 33.02
N SER B 111 -14.11 -26.59 32.02
CA SER B 111 -13.00 -27.24 31.34
C SER B 111 -11.77 -27.28 32.25
N ARG B 112 -11.15 -28.44 32.37
CA ARG B 112 -9.97 -28.61 33.22
C ARG B 112 -8.72 -28.10 32.55
N ARG B 113 -8.42 -28.60 31.36
CA ARG B 113 -7.21 -28.17 30.66
C ARG B 113 -7.46 -27.13 29.58
N VAL B 114 -6.99 -25.91 29.82
CA VAL B 114 -7.17 -24.82 28.89
C VAL B 114 -5.86 -24.08 28.69
N LEU B 115 -5.31 -24.12 27.48
CA LEU B 115 -4.06 -23.40 27.21
C LEU B 115 -4.47 -22.05 26.67
N GLU B 116 -3.99 -21.00 27.33
CA GLU B 116 -4.34 -19.64 26.97
C GLU B 116 -3.23 -18.87 26.27
N LEU B 117 -3.25 -18.96 24.95
CA LEU B 117 -2.24 -18.31 24.11
C LEU B 117 -2.16 -16.81 24.34
N HIS B 118 -3.24 -16.20 24.81
CA HIS B 118 -3.22 -14.76 25.05
C HIS B 118 -3.46 -14.39 26.51
N GLY B 119 -3.29 -15.37 27.39
CA GLY B 119 -3.50 -15.14 28.82
C GLY B 119 -4.97 -14.92 29.13
N SER B 120 -5.26 -14.19 30.19
CA SER B 120 -6.64 -13.90 30.56
C SER B 120 -6.81 -12.80 31.59
N MET B 121 -8.06 -12.39 31.78
CA MET B 121 -8.44 -11.35 32.72
C MET B 121 -8.44 -11.83 34.16
N ASP B 122 -8.31 -13.13 34.36
CA ASP B 122 -8.33 -13.74 35.70
C ASP B 122 -7.42 -13.06 36.73
N LYS B 123 -6.21 -12.69 36.33
CA LYS B 123 -5.27 -12.05 37.24
C LYS B 123 -4.87 -10.69 36.68
N LEU B 124 -4.39 -9.79 37.54
CA LEU B 124 -3.95 -8.47 37.08
C LEU B 124 -2.73 -8.06 37.89
N ASP B 125 -1.94 -7.15 37.35
CA ASP B 125 -0.74 -6.71 38.03
C ASP B 125 -0.57 -5.20 37.94
N CYS B 126 -0.24 -4.56 39.06
CA CYS B 126 0.02 -3.13 39.02
C CYS B 126 1.43 -3.06 38.43
N LEU B 127 1.56 -2.36 37.32
CA LEU B 127 2.86 -2.24 36.67
C LEU B 127 3.84 -1.37 37.46
N ASP B 128 3.33 -0.65 38.45
CA ASP B 128 4.15 0.23 39.27
C ASP B 128 4.69 -0.37 40.57
N CYS B 129 3.80 -0.95 41.38
CA CYS B 129 4.25 -1.53 42.64
C CYS B 129 4.20 -3.06 42.64
N HIS B 130 3.77 -3.62 41.50
CA HIS B 130 3.71 -5.07 41.32
C HIS B 130 2.72 -5.84 42.20
N GLU B 131 1.80 -5.12 42.82
CA GLU B 131 0.80 -5.79 43.64
C GLU B 131 0.00 -6.64 42.64
N THR B 132 -0.44 -7.82 43.05
CA THR B 132 -1.21 -8.68 42.16
C THR B 132 -2.66 -8.78 42.63
N TYR B 133 -3.58 -8.91 41.69
CA TYR B 133 -5.00 -9.00 42.01
C TYR B 133 -5.77 -10.06 41.24
N ASP B 134 -6.88 -10.46 41.81
CA ASP B 134 -7.79 -11.42 41.19
C ASP B 134 -8.88 -10.57 40.55
N TRP B 135 -9.37 -11.01 39.40
CA TRP B 135 -10.44 -10.29 38.69
C TRP B 135 -11.64 -10.03 39.58
N SER B 136 -11.93 -10.99 40.46
CA SER B 136 -13.08 -10.87 41.37
C SER B 136 -12.94 -9.67 42.30
N GLU B 137 -11.74 -9.12 42.42
CA GLU B 137 -11.50 -7.98 43.30
C GLU B 137 -11.91 -6.64 42.74
N PHE B 138 -12.24 -6.58 41.45
CA PHE B 138 -12.63 -5.31 40.85
C PHE B 138 -14.07 -5.31 40.34
N VAL B 139 -14.82 -6.36 40.65
CA VAL B 139 -16.21 -6.45 40.20
C VAL B 139 -17.06 -5.28 40.68
N GLU B 140 -17.02 -4.99 41.98
CA GLU B 140 -17.81 -3.89 42.51
C GLU B 140 -17.38 -2.55 41.90
N ASP B 141 -16.07 -2.32 41.78
CA ASP B 141 -15.59 -1.07 41.20
C ASP B 141 -16.19 -0.86 39.82
N PHE B 142 -16.21 -1.92 39.02
CA PHE B 142 -16.78 -1.83 37.68
C PHE B 142 -18.27 -1.52 37.76
N ASN B 143 -18.96 -2.13 38.72
CA ASN B 143 -20.39 -1.88 38.89
C ASN B 143 -20.68 -0.44 39.33
N LYS B 144 -19.65 0.24 39.84
CA LYS B 144 -19.80 1.63 40.27
C LYS B 144 -19.18 2.59 39.25
N GLY B 145 -18.90 2.07 38.06
CA GLY B 145 -18.36 2.89 36.99
C GLY B 145 -16.89 3.25 37.01
N GLU B 146 -16.10 2.68 37.91
CA GLU B 146 -14.68 2.99 37.94
C GLU B 146 -13.84 1.92 37.24
N ILE B 147 -12.59 2.26 36.93
CA ILE B 147 -11.70 1.28 36.30
C ILE B 147 -10.73 0.78 37.38
N PRO B 148 -10.10 -0.38 37.15
CA PRO B 148 -9.15 -0.93 38.12
C PRO B 148 -8.09 0.06 38.56
N ARG B 149 -7.91 0.18 39.86
CA ARG B 149 -6.92 1.11 40.40
C ARG B 149 -6.23 0.43 41.58
N CYS B 150 -4.90 0.43 41.56
CA CYS B 150 -4.14 -0.22 42.61
C CYS B 150 -4.50 0.33 43.98
N ARG B 151 -4.98 -0.55 44.86
CA ARG B 151 -5.36 -0.17 46.22
C ARG B 151 -4.12 0.05 47.07
N LYS B 152 -2.95 -0.27 46.53
CA LYS B 152 -1.72 -0.14 47.27
C LYS B 152 -0.94 1.14 46.94
N CYS B 153 -0.78 1.45 45.65
CA CYS B 153 -0.02 2.65 45.30
C CYS B 153 -0.84 3.70 44.54
N GLY B 154 -2.10 3.38 44.27
CA GLY B 154 -2.97 4.30 43.57
C GLY B 154 -2.76 4.45 42.07
N SER B 155 -1.96 3.56 41.48
CA SER B 155 -1.72 3.64 40.05
C SER B 155 -2.92 3.13 39.29
N TYR B 156 -3.07 3.60 38.05
CA TYR B 156 -4.16 3.16 37.20
C TYR B 156 -3.62 2.15 36.21
N TYR B 157 -2.37 1.76 36.41
CA TYR B 157 -1.72 0.78 35.54
C TYR B 157 -1.94 -0.64 36.07
N VAL B 158 -3.19 -1.00 36.32
CA VAL B 158 -3.46 -2.35 36.78
C VAL B 158 -3.77 -3.14 35.51
N LYS B 159 -2.72 -3.71 34.92
CA LYS B 159 -2.85 -4.46 33.68
C LYS B 159 -3.18 -5.94 33.83
N PRO B 160 -4.25 -6.39 33.16
CA PRO B 160 -4.61 -7.80 33.27
C PRO B 160 -3.53 -8.61 32.53
N ARG B 161 -3.36 -9.87 32.94
CA ARG B 161 -2.35 -10.73 32.32
C ARG B 161 -2.79 -11.33 31.00
N VAL B 162 -2.98 -10.43 30.03
CA VAL B 162 -3.38 -10.82 28.70
C VAL B 162 -2.30 -10.31 27.77
N VAL B 163 -2.26 -10.84 26.56
CA VAL B 163 -1.30 -10.42 25.56
C VAL B 163 -1.90 -9.26 24.77
N LEU B 164 -1.32 -8.08 24.88
CA LEU B 164 -1.82 -6.92 24.16
C LEU B 164 -1.11 -6.78 22.81
N PHE B 165 -1.71 -6.05 21.88
CA PHE B 165 -1.08 -5.82 20.59
C PHE B 165 0.27 -5.19 20.91
N GLY B 166 1.29 -5.57 20.16
CA GLY B 166 2.61 -5.01 20.40
C GLY B 166 3.42 -5.78 21.44
N GLU B 167 2.79 -6.77 22.06
CA GLU B 167 3.49 -7.58 23.07
C GLU B 167 3.77 -8.95 22.44
N PRO B 168 4.89 -9.58 22.81
CA PRO B 168 5.22 -10.89 22.26
C PRO B 168 4.34 -11.99 22.85
N LEU B 169 4.07 -13.00 22.04
CA LEU B 169 3.23 -14.12 22.45
C LEU B 169 3.97 -14.92 23.53
N PRO B 170 3.23 -15.55 24.44
CA PRO B 170 3.86 -16.34 25.50
C PRO B 170 4.51 -17.58 24.86
N GLN B 171 5.84 -17.56 24.75
CA GLN B 171 6.60 -18.64 24.12
C GLN B 171 6.44 -20.05 24.69
N ARG B 172 6.42 -20.21 26.01
CA ARG B 172 6.26 -21.55 26.56
C ARG B 172 4.86 -22.10 26.35
N THR B 173 3.85 -21.23 26.43
CA THR B 173 2.49 -21.68 26.23
C THR B 173 2.33 -22.03 24.74
N LEU B 174 2.98 -21.26 23.88
CA LEU B 174 2.91 -21.53 22.45
C LEU B 174 3.47 -22.93 22.19
N PHE B 175 4.70 -23.14 22.66
CA PHE B 175 5.42 -24.40 22.55
C PHE B 175 4.58 -25.59 23.03
N GLU B 176 3.86 -25.40 24.13
CA GLU B 176 3.02 -26.45 24.69
C GLU B 176 1.79 -26.73 23.84
N ALA B 177 1.27 -25.70 23.18
CA ALA B 177 0.09 -25.85 22.32
C ALA B 177 0.50 -26.66 21.08
N ILE B 178 1.70 -26.39 20.57
CA ILE B 178 2.21 -27.11 19.41
C ILE B 178 2.32 -28.59 19.75
N GLU B 179 2.85 -28.88 20.93
CA GLU B 179 3.01 -30.26 21.38
C GLU B 179 1.65 -30.92 21.53
N GLU B 180 0.65 -30.12 21.87
CA GLU B 180 -0.69 -30.63 22.06
C GLU B 180 -1.24 -31.06 20.71
N ALA B 181 -1.02 -30.23 19.70
CA ALA B 181 -1.48 -30.56 18.37
C ALA B 181 -0.78 -31.80 17.81
N LYS B 182 0.50 -31.97 18.15
CA LYS B 182 1.28 -33.10 17.67
C LYS B 182 0.88 -34.49 18.20
N HIS B 183 0.21 -34.56 19.34
CA HIS B 183 -0.15 -35.88 19.84
C HIS B 183 -1.65 -36.16 20.04
N CYS B 184 -2.51 -35.31 19.51
CA CYS B 184 -3.94 -35.54 19.65
C CYS B 184 -4.43 -36.50 18.55
N ASP B 185 -5.61 -37.08 18.73
CA ASP B 185 -6.14 -37.99 17.72
C ASP B 185 -7.32 -37.34 16.99
N ALA B 186 -7.73 -36.18 17.46
CA ALA B 186 -8.83 -35.44 16.84
C ALA B 186 -8.58 -33.97 17.17
N PHE B 187 -8.65 -33.12 16.16
CA PHE B 187 -8.43 -31.69 16.31
C PHE B 187 -9.66 -30.97 15.79
N MET B 188 -10.38 -30.29 16.69
CA MET B 188 -11.58 -29.56 16.30
C MET B 188 -11.48 -28.06 16.57
N VAL B 189 -11.69 -27.28 15.51
CA VAL B 189 -11.65 -25.83 15.58
C VAL B 189 -13.08 -25.33 15.79
N VAL B 190 -13.26 -24.36 16.67
CA VAL B 190 -14.60 -23.81 16.92
C VAL B 190 -14.55 -22.31 17.12
N GLY B 191 -15.17 -21.58 16.20
CA GLY B 191 -15.21 -20.13 16.32
C GLY B 191 -13.94 -19.37 15.99
N SER B 192 -13.17 -19.87 15.03
CA SER B 192 -11.95 -19.19 14.60
C SER B 192 -11.83 -19.23 13.09
N SER B 193 -11.32 -18.15 12.51
CA SER B 193 -11.14 -18.12 11.06
C SER B 193 -9.70 -18.48 10.71
N LEU B 194 -8.97 -18.97 11.71
CA LEU B 194 -7.60 -19.41 11.54
C LEU B 194 -6.72 -18.36 10.86
N VAL B 195 -6.68 -17.17 11.44
CA VAL B 195 -5.88 -16.09 10.88
C VAL B 195 -4.74 -15.70 11.80
N VAL B 196 -5.05 -15.46 13.06
CA VAL B 196 -4.07 -15.06 14.06
C VAL B 196 -3.13 -16.20 14.48
N TYR B 197 -1.85 -16.01 14.20
CA TYR B 197 -0.81 -16.98 14.53
C TYR B 197 -0.94 -17.42 15.98
N PRO B 198 -0.86 -18.74 16.24
CA PRO B 198 -0.66 -19.88 15.34
C PRO B 198 -1.91 -20.61 14.85
N ALA B 199 -3.06 -19.96 14.89
CA ALA B 199 -4.31 -20.60 14.46
C ALA B 199 -4.26 -21.24 13.07
N ALA B 200 -3.50 -20.66 12.15
CA ALA B 200 -3.41 -21.20 10.80
C ALA B 200 -2.39 -22.34 10.70
N GLU B 201 -1.45 -22.39 11.64
CA GLU B 201 -0.42 -23.43 11.64
C GLU B 201 -0.80 -24.68 12.43
N LEU B 202 -1.48 -24.50 13.56
CA LEU B 202 -1.86 -25.61 14.40
C LEU B 202 -2.60 -26.76 13.70
N PRO B 203 -3.62 -26.45 12.89
CA PRO B 203 -4.37 -27.49 12.18
C PRO B 203 -3.50 -28.33 11.24
N TYR B 204 -2.50 -27.68 10.63
CA TYR B 204 -1.61 -28.40 9.72
C TYR B 204 -0.70 -29.34 10.48
N ILE B 205 -0.29 -28.92 11.67
CA ILE B 205 0.56 -29.72 12.52
C ILE B 205 -0.23 -30.93 13.00
N ALA B 206 -1.50 -30.73 13.33
CA ALA B 206 -2.33 -31.82 13.81
C ALA B 206 -2.59 -32.80 12.67
N LYS B 207 -2.82 -32.29 11.47
CA LYS B 207 -3.07 -33.18 10.35
C LYS B 207 -1.84 -34.02 10.05
N LYS B 208 -0.67 -33.42 10.04
CA LYS B 208 0.56 -34.15 9.77
C LYS B 208 0.71 -35.31 10.77
N ALA B 209 0.27 -35.07 12.00
CA ALA B 209 0.35 -36.08 13.05
C ALA B 209 -0.69 -37.16 12.90
N GLY B 210 -1.57 -37.02 11.91
CA GLY B 210 -2.59 -38.03 11.67
C GLY B 210 -3.93 -37.87 12.36
N ALA B 211 -4.17 -36.71 12.96
CA ALA B 211 -5.43 -36.47 13.64
C ALA B 211 -6.61 -36.26 12.68
N LYS B 212 -7.80 -36.61 13.16
CA LYS B 212 -9.02 -36.41 12.38
C LYS B 212 -9.34 -34.93 12.60
N MET B 213 -9.78 -34.23 11.56
CA MET B 213 -10.04 -32.80 11.67
C MET B 213 -11.51 -32.36 11.50
N ILE B 214 -11.96 -31.50 12.40
CA ILE B 214 -13.32 -30.96 12.37
C ILE B 214 -13.28 -29.44 12.55
N ILE B 215 -14.10 -28.72 11.79
CA ILE B 215 -14.17 -27.28 11.95
C ILE B 215 -15.63 -26.80 11.98
N VAL B 216 -15.91 -25.97 12.98
CA VAL B 216 -17.23 -25.39 13.20
C VAL B 216 -16.99 -23.89 13.23
N ASN B 217 -17.57 -23.17 12.30
CA ASN B 217 -17.35 -21.74 12.25
C ASN B 217 -18.54 -21.12 11.53
N ALA B 218 -18.72 -19.80 11.70
CA ALA B 218 -19.83 -19.11 11.05
C ALA B 218 -19.55 -18.87 9.57
N GLU B 219 -18.28 -18.79 9.22
CA GLU B 219 -17.96 -18.57 7.83
C GLU B 219 -16.84 -19.51 7.42
N PRO B 220 -16.69 -19.76 6.12
CA PRO B 220 -15.61 -20.66 5.70
C PRO B 220 -14.23 -20.03 5.92
N THR B 221 -13.20 -20.85 5.99
CA THR B 221 -11.84 -20.36 6.19
C THR B 221 -10.95 -20.84 5.05
N MET B 222 -9.77 -20.24 4.97
CA MET B 222 -8.81 -20.57 3.95
C MET B 222 -8.35 -22.03 4.06
N ALA B 223 -8.38 -22.58 5.27
CA ALA B 223 -7.93 -23.95 5.47
C ALA B 223 -9.02 -25.01 5.37
N ASP B 224 -10.29 -24.61 5.28
CA ASP B 224 -11.40 -25.55 5.17
C ASP B 224 -11.06 -26.86 4.43
N PRO B 225 -10.51 -26.74 3.21
CA PRO B 225 -10.17 -27.93 2.43
C PRO B 225 -9.46 -29.09 3.13
N ILE B 226 -8.59 -28.80 4.10
CA ILE B 226 -7.86 -29.87 4.77
C ILE B 226 -8.59 -30.56 5.91
N PHE B 227 -9.74 -30.03 6.30
CA PHE B 227 -10.52 -30.64 7.38
C PHE B 227 -11.37 -31.80 6.85
N ASP B 228 -11.60 -32.81 7.68
CA ASP B 228 -12.41 -33.95 7.30
C ASP B 228 -13.90 -33.63 7.38
N VAL B 229 -14.26 -32.72 8.28
CA VAL B 229 -15.66 -32.33 8.46
C VAL B 229 -15.75 -30.82 8.63
N LYS B 230 -16.60 -30.20 7.82
CA LYS B 230 -16.80 -28.74 7.85
C LYS B 230 -18.24 -28.43 8.16
N ILE B 231 -18.47 -27.62 9.18
CA ILE B 231 -19.81 -27.26 9.58
C ILE B 231 -19.96 -25.74 9.68
N ILE B 232 -20.91 -25.19 8.92
CA ILE B 232 -21.18 -23.75 8.94
C ILE B 232 -22.35 -23.52 9.89
N GLY B 233 -22.15 -22.63 10.86
CA GLY B 233 -23.20 -22.33 11.82
C GLY B 233 -22.70 -21.65 13.08
N LYS B 234 -23.59 -21.42 14.04
CA LYS B 234 -23.22 -20.80 15.30
C LYS B 234 -22.76 -21.87 16.27
N ALA B 235 -21.62 -21.64 16.90
CA ALA B 235 -21.08 -22.61 17.85
C ALA B 235 -22.10 -23.01 18.90
N GLY B 236 -22.82 -22.02 19.43
CA GLY B 236 -23.81 -22.28 20.45
C GLY B 236 -24.90 -23.24 20.04
N GLU B 237 -25.26 -23.24 18.76
CA GLU B 237 -26.31 -24.14 18.28
C GLU B 237 -25.79 -25.49 17.79
N VAL B 238 -24.58 -25.49 17.22
CA VAL B 238 -24.00 -26.72 16.69
C VAL B 238 -23.38 -27.67 17.72
N LEU B 239 -22.53 -27.14 18.59
CA LEU B 239 -21.85 -27.96 19.58
C LEU B 239 -22.75 -28.86 20.44
N PRO B 240 -23.87 -28.33 20.95
CA PRO B 240 -24.69 -29.22 21.77
C PRO B 240 -25.28 -30.40 20.96
N LYS B 241 -25.58 -30.13 19.69
CA LYS B 241 -26.11 -31.16 18.81
C LYS B 241 -25.06 -32.24 18.54
N ILE B 242 -23.80 -31.83 18.46
CA ILE B 242 -22.71 -32.79 18.23
C ILE B 242 -22.63 -33.70 19.44
N VAL B 243 -22.64 -33.10 20.62
CA VAL B 243 -22.55 -33.86 21.85
C VAL B 243 -23.70 -34.84 22.06
N GLU B 244 -24.93 -34.46 21.72
CA GLU B 244 -26.06 -35.37 21.87
C GLU B 244 -25.89 -36.58 20.96
N GLU B 245 -25.33 -36.35 19.78
CA GLU B 245 -25.09 -37.44 18.84
C GLU B 245 -24.04 -38.37 19.42
N VAL B 246 -22.95 -37.80 19.94
CA VAL B 246 -21.90 -38.62 20.54
C VAL B 246 -22.47 -39.46 21.66
N LYS B 247 -23.39 -38.88 22.43
CA LYS B 247 -24.02 -39.61 23.52
C LYS B 247 -24.88 -40.74 22.96
N ARG B 248 -25.60 -40.46 21.88
CA ARG B 248 -26.45 -41.48 21.27
C ARG B 248 -25.60 -42.62 20.73
N LEU B 249 -24.48 -42.27 20.12
CA LEU B 249 -23.57 -43.26 19.56
C LEU B 249 -22.98 -44.17 20.63
N ARG B 250 -22.37 -43.58 21.65
CA ARG B 250 -21.76 -44.37 22.71
C ARG B 250 -22.81 -45.09 23.56
N SER B 251 -24.08 -44.78 23.29
CA SER B 251 -25.20 -45.39 24.01
C SER B 251 -25.78 -46.53 23.18
N GLU B 252 -24.92 -47.21 22.44
CA GLU B 252 -25.36 -48.32 21.60
C GLU B 252 -24.29 -49.40 21.58
N MET C 1 42.76 -19.11 19.23
CA MET C 1 41.65 -20.07 18.91
C MET C 1 42.13 -21.06 17.86
N GLU C 2 43.43 -21.36 17.86
CA GLU C 2 44.02 -22.26 16.89
C GLU C 2 43.35 -23.62 16.69
N ASP C 3 43.29 -24.43 17.74
CA ASP C 3 42.70 -25.76 17.61
C ASP C 3 41.21 -25.79 17.22
N GLU C 4 40.42 -24.86 17.73
CA GLU C 4 39.00 -24.82 17.39
C GLU C 4 38.84 -24.36 15.94
N ILE C 5 39.72 -23.47 15.49
CA ILE C 5 39.68 -22.99 14.13
C ILE C 5 39.98 -24.15 13.20
N ARG C 6 40.83 -25.06 13.68
CA ARG C 6 41.20 -26.24 12.92
C ARG C 6 39.94 -27.02 12.60
N LYS C 7 39.24 -27.46 13.64
CA LYS C 7 38.03 -28.25 13.50
C LYS C 7 36.91 -27.54 12.74
N ALA C 8 36.87 -26.21 12.80
CA ALA C 8 35.84 -25.47 12.07
C ALA C 8 36.14 -25.61 10.58
N ALA C 9 37.42 -25.46 10.23
CA ALA C 9 37.84 -25.57 8.84
C ALA C 9 37.71 -27.01 8.34
N GLU C 10 37.90 -27.98 9.23
CA GLU C 10 37.78 -29.38 8.86
C GLU C 10 36.32 -29.67 8.49
N ILE C 11 35.39 -29.11 9.27
CA ILE C 11 33.96 -29.30 9.03
C ILE C 11 33.53 -28.63 7.71
N LEU C 12 34.01 -27.41 7.49
CA LEU C 12 33.66 -26.66 6.29
C LEU C 12 34.28 -27.23 5.01
N ALA C 13 35.50 -27.76 5.11
CA ALA C 13 36.18 -28.30 3.94
C ALA C 13 35.38 -29.43 3.28
N LYS C 14 34.66 -30.20 4.05
CA LYS C 14 33.89 -31.30 3.49
C LYS C 14 32.38 -31.05 3.50
N SER C 15 31.98 -29.80 3.26
CA SER C 15 30.58 -29.43 3.23
C SER C 15 30.24 -28.87 1.84
N LYS C 16 29.05 -29.17 1.35
CA LYS C 16 28.66 -28.67 0.03
C LYS C 16 27.41 -27.78 0.07
N HIS C 17 26.80 -27.64 1.24
CA HIS C 17 25.63 -26.79 1.38
C HIS C 17 25.60 -26.11 2.75
N ALA C 18 26.68 -25.42 3.07
CA ALA C 18 26.82 -24.73 4.33
C ALA C 18 26.01 -23.45 4.40
N VAL C 19 25.45 -23.20 5.57
CA VAL C 19 24.65 -22.00 5.80
C VAL C 19 25.29 -21.19 6.93
N VAL C 20 25.35 -19.89 6.76
CA VAL C 20 25.92 -19.02 7.77
C VAL C 20 24.84 -18.07 8.28
N PHE C 21 24.75 -17.93 9.60
CA PHE C 21 23.76 -17.05 10.20
C PHE C 21 24.52 -15.95 10.93
N THR C 22 24.18 -14.69 10.66
CA THR C 22 24.91 -13.59 11.29
C THR C 22 24.03 -12.55 11.98
N GLY C 23 24.57 -11.98 13.05
CA GLY C 23 23.85 -10.95 13.79
C GLY C 23 24.69 -9.69 13.82
N ALA C 24 24.29 -8.72 14.63
CA ALA C 24 25.00 -7.45 14.76
C ALA C 24 26.49 -7.62 14.99
N GLY C 25 26.86 -8.75 15.59
CA GLY C 25 28.26 -9.03 15.87
C GLY C 25 29.20 -8.96 14.69
N ILE C 26 28.80 -9.50 13.54
CA ILE C 26 29.70 -9.51 12.39
C ILE C 26 29.90 -8.14 11.73
N SER C 27 29.12 -7.15 12.09
CA SER C 27 29.26 -5.81 11.51
C SER C 27 29.83 -4.80 12.50
N ALA C 28 30.18 -5.27 13.70
CA ALA C 28 30.74 -4.38 14.71
C ALA C 28 32.11 -3.85 14.26
N GLU C 29 32.91 -4.74 13.67
CA GLU C 29 34.24 -4.36 13.18
C GLU C 29 34.19 -3.53 11.89
N SER C 30 32.97 -3.13 11.50
CA SER C 30 32.81 -2.32 10.30
C SER C 30 32.43 -0.92 10.74
N GLY C 31 32.20 -0.76 12.04
CA GLY C 31 31.86 0.54 12.58
C GLY C 31 30.41 0.64 13.02
N ILE C 32 29.64 -0.41 12.81
CA ILE C 32 28.23 -0.37 13.23
C ILE C 32 28.08 -1.04 14.59
N PRO C 33 27.79 -0.25 15.62
CA PRO C 33 27.62 -0.74 16.99
C PRO C 33 26.37 -1.60 17.16
N THR C 34 26.53 -2.70 17.91
CA THR C 34 25.44 -3.62 18.18
C THR C 34 24.50 -2.90 19.15
N PHE C 35 23.54 -3.64 19.71
CA PHE C 35 22.59 -3.07 20.66
C PHE C 35 22.92 -3.58 22.06
N ARG C 36 24.04 -4.28 22.20
CA ARG C 36 24.43 -4.88 23.48
C ARG C 36 25.63 -4.25 24.19
N GLY C 37 25.74 -4.56 25.48
CA GLY C 37 26.84 -4.10 26.31
C GLY C 37 27.21 -2.63 26.16
N GLU C 38 28.49 -2.36 25.98
CA GLU C 38 28.97 -1.00 25.81
C GLU C 38 28.27 -0.28 24.64
N ASP C 39 28.09 -0.97 23.51
CA ASP C 39 27.43 -0.36 22.35
C ASP C 39 26.00 0.10 22.63
N GLY C 40 25.26 -0.67 23.44
CA GLY C 40 23.89 -0.30 23.75
C GLY C 40 23.92 0.93 24.63
N LEU C 41 24.98 1.01 25.44
CA LEU C 41 25.17 2.12 26.35
C LEU C 41 25.61 3.33 25.53
N TRP C 42 26.47 3.07 24.55
CA TRP C 42 27.00 4.08 23.65
C TRP C 42 25.91 4.84 22.91
N ARG C 43 24.99 4.09 22.30
CA ARG C 43 23.88 4.68 21.57
C ARG C 43 23.00 5.51 22.50
N LYS C 44 22.62 6.70 22.05
CA LYS C 44 21.80 7.60 22.85
C LYS C 44 20.36 7.12 22.99
N TYR C 45 19.68 6.96 21.87
CA TYR C 45 18.29 6.53 21.84
C TYR C 45 18.09 5.04 22.09
N ASP C 46 16.87 4.68 22.47
CA ASP C 46 16.51 3.28 22.70
C ASP C 46 15.91 2.79 21.38
N PRO C 47 16.50 1.76 20.78
CA PRO C 47 16.01 1.22 19.51
C PRO C 47 14.53 0.90 19.48
N GLU C 48 13.94 0.70 20.65
CA GLU C 48 12.52 0.36 20.74
C GLU C 48 11.62 1.58 20.81
N GLU C 49 12.21 2.74 21.11
CA GLU C 49 11.44 3.96 21.19
C GLU C 49 11.48 4.70 19.86
N VAL C 50 12.67 4.88 19.31
CA VAL C 50 12.83 5.60 18.05
C VAL C 50 12.79 4.74 16.79
N ALA C 51 12.99 3.43 16.93
CA ALA C 51 12.99 2.56 15.75
C ALA C 51 11.74 1.70 15.65
N SER C 52 10.66 2.17 16.24
CA SER C 52 9.38 1.48 16.18
C SER C 52 8.63 2.21 15.08
N ILE C 53 7.60 1.59 14.53
CA ILE C 53 6.84 2.24 13.48
C ILE C 53 6.21 3.52 14.04
N SER C 54 5.91 3.48 15.35
CA SER C 54 5.32 4.63 16.06
C SER C 54 6.33 5.76 16.10
N GLY C 55 7.53 5.45 16.58
CA GLY C 55 8.56 6.46 16.68
C GLY C 55 8.81 7.10 15.33
N PHE C 56 9.11 6.27 14.33
CA PHE C 56 9.37 6.76 12.98
C PHE C 56 8.38 7.83 12.57
N LYS C 57 7.10 7.58 12.78
CA LYS C 57 6.08 8.55 12.41
C LYS C 57 6.17 9.83 13.22
N ARG C 58 6.18 9.73 14.55
CA ARG C 58 6.26 10.94 15.37
C ARG C 58 7.58 11.69 15.27
N ASN C 59 8.66 11.01 14.86
CA ASN C 59 9.94 11.70 14.75
C ASN C 59 10.93 11.02 13.80
N PRO C 60 10.72 11.17 12.49
CA PRO C 60 11.62 10.56 11.50
C PRO C 60 13.08 10.96 11.62
N ARG C 61 13.33 12.22 11.99
CA ARG C 61 14.70 12.70 12.12
C ARG C 61 15.43 11.89 13.19
N ALA C 62 14.71 11.54 14.25
CA ALA C 62 15.29 10.77 15.34
C ALA C 62 15.68 9.37 14.84
N PHE C 63 14.76 8.75 14.12
CA PHE C 63 14.99 7.42 13.55
C PHE C 63 16.29 7.41 12.73
N TRP C 64 16.35 8.31 11.75
CA TRP C 64 17.52 8.39 10.89
C TRP C 64 18.82 8.68 11.62
N GLU C 65 18.76 9.52 12.65
CA GLU C 65 19.96 9.85 13.41
C GLU C 65 20.43 8.59 14.14
N PHE C 66 19.48 7.82 14.64
CA PHE C 66 19.81 6.59 15.35
C PHE C 66 20.29 5.48 14.43
N SER C 67 19.60 5.31 13.31
CA SER C 67 19.93 4.28 12.34
C SER C 67 21.25 4.50 11.60
N MET C 68 21.65 5.76 11.46
CA MET C 68 22.89 6.09 10.75
C MET C 68 24.12 6.34 11.62
N GLU C 69 23.95 6.30 12.94
CA GLU C 69 25.09 6.55 13.84
C GLU C 69 26.12 5.43 13.76
N MET C 70 27.38 5.82 13.61
CA MET C 70 28.46 4.87 13.53
C MET C 70 29.68 5.33 14.32
N LYS C 71 30.70 4.50 14.35
CA LYS C 71 31.92 4.81 15.07
C LYS C 71 33.02 5.33 14.15
N ASP C 72 33.20 6.64 14.15
CA ASP C 72 34.22 7.31 13.35
C ASP C 72 34.14 7.07 11.84
N LYS C 73 32.92 6.92 11.34
CA LYS C 73 32.69 6.72 9.91
C LYS C 73 31.28 7.15 9.57
N LEU C 74 31.07 7.59 8.33
CA LEU C 74 29.74 8.02 7.91
C LEU C 74 29.04 6.88 7.20
N PHE C 75 29.81 6.09 6.47
CA PHE C 75 29.26 4.94 5.74
C PHE C 75 30.06 3.70 6.08
N ALA C 76 29.38 2.56 6.11
CA ALA C 76 30.03 1.30 6.46
C ALA C 76 30.59 0.57 5.26
N GLU C 77 31.59 -0.28 5.53
CA GLU C 77 32.23 -1.09 4.50
C GLU C 77 32.41 -2.49 5.07
N PRO C 78 32.22 -3.53 4.24
CA PRO C 78 32.38 -4.90 4.71
C PRO C 78 33.77 -5.11 5.29
N ASN C 79 33.87 -5.89 6.37
CA ASN C 79 35.16 -6.17 6.99
C ASN C 79 35.60 -7.57 6.53
N PRO C 80 36.81 -8.00 6.90
CA PRO C 80 37.25 -9.34 6.47
C PRO C 80 36.32 -10.51 6.79
N ALA C 81 35.41 -10.32 7.74
CA ALA C 81 34.48 -11.39 8.10
C ALA C 81 33.47 -11.56 6.98
N HIS C 82 33.00 -10.45 6.41
CA HIS C 82 32.04 -10.52 5.32
C HIS C 82 32.69 -11.15 4.08
N TYR C 83 33.83 -10.60 3.66
CA TYR C 83 34.52 -11.14 2.50
C TYR C 83 34.85 -12.61 2.70
N ALA C 84 35.27 -12.96 3.91
CA ALA C 84 35.60 -14.34 4.21
C ALA C 84 34.41 -15.28 3.94
N ILE C 85 33.18 -14.83 4.21
CA ILE C 85 32.02 -15.67 3.95
C ILE C 85 31.73 -15.74 2.45
N ALA C 86 31.83 -14.61 1.76
CA ALA C 86 31.63 -14.59 0.32
C ALA C 86 32.60 -15.56 -0.34
N GLU C 87 33.84 -15.58 0.16
CA GLU C 87 34.88 -16.46 -0.35
C GLU C 87 34.49 -17.93 -0.18
N LEU C 88 33.97 -18.28 1.00
CA LEU C 88 33.55 -19.65 1.25
C LEU C 88 32.45 -20.05 0.28
N GLU C 89 31.70 -19.08 -0.21
CA GLU C 89 30.64 -19.32 -1.17
C GLU C 89 31.24 -19.65 -2.53
N ARG C 90 32.23 -18.84 -2.91
CA ARG C 90 32.92 -19.02 -4.19
C ARG C 90 33.71 -20.33 -4.20
N MET C 91 34.13 -20.78 -3.03
CA MET C 91 34.90 -22.02 -2.94
C MET C 91 33.98 -23.23 -3.00
N GLY C 92 32.70 -22.98 -3.22
CA GLY C 92 31.73 -24.07 -3.32
C GLY C 92 31.27 -24.69 -2.02
N ILE C 93 31.46 -23.98 -0.90
CA ILE C 93 31.04 -24.50 0.40
C ILE C 93 29.79 -23.82 0.96
N VAL C 94 29.77 -22.50 0.98
CA VAL C 94 28.64 -21.74 1.49
C VAL C 94 27.60 -21.45 0.39
N LYS C 95 26.39 -21.93 0.60
CA LYS C 95 25.32 -21.74 -0.37
C LYS C 95 24.26 -20.73 0.08
N ALA C 96 24.38 -20.23 1.31
CA ALA C 96 23.41 -19.28 1.81
C ALA C 96 23.83 -18.55 3.07
N VAL C 97 23.36 -17.31 3.20
CA VAL C 97 23.61 -16.49 4.36
C VAL C 97 22.26 -15.98 4.83
N ILE C 98 21.96 -16.21 6.11
CA ILE C 98 20.72 -15.74 6.70
C ILE C 98 21.22 -14.68 7.68
N THR C 99 20.71 -13.46 7.57
CA THR C 99 21.16 -12.42 8.49
C THR C 99 20.02 -11.59 9.05
N GLN C 100 20.28 -10.97 10.19
CA GLN C 100 19.30 -10.12 10.84
C GLN C 100 19.73 -8.67 10.69
N ASN C 101 20.86 -8.47 10.03
CA ASN C 101 21.41 -7.14 9.78
C ASN C 101 20.74 -6.48 8.59
N ILE C 102 20.65 -5.15 8.61
CA ILE C 102 20.04 -4.39 7.53
C ILE C 102 21.09 -3.53 6.80
N ASP C 103 22.36 -3.87 6.98
CA ASP C 103 23.46 -3.11 6.38
C ASP C 103 23.97 -3.55 5.00
N MET C 104 23.45 -4.64 4.47
CA MET C 104 23.85 -5.11 3.15
C MET C 104 25.35 -5.30 2.96
N LEU C 105 26.08 -5.50 4.06
CA LEU C 105 27.51 -5.69 3.94
C LEU C 105 27.82 -7.08 3.38
N HIS C 106 26.87 -8.00 3.50
CA HIS C 106 27.08 -9.35 2.98
C HIS C 106 27.10 -9.33 1.45
N GLN C 107 26.08 -8.72 0.83
CA GLN C 107 26.00 -8.65 -0.62
C GLN C 107 27.18 -7.86 -1.18
N ARG C 108 27.44 -6.70 -0.60
CA ARG C 108 28.52 -5.84 -1.04
C ARG C 108 29.89 -6.49 -0.92
N ALA C 109 29.96 -7.56 -0.14
CA ALA C 109 31.21 -8.29 0.04
C ALA C 109 31.30 -9.39 -1.01
N GLY C 110 30.21 -9.60 -1.73
CA GLY C 110 30.20 -10.63 -2.75
C GLY C 110 29.38 -11.88 -2.45
N SER C 111 28.41 -11.76 -1.55
CA SER C 111 27.55 -12.91 -1.23
C SER C 111 26.37 -12.93 -2.17
N ARG C 112 26.17 -14.08 -2.82
CA ARG C 112 25.10 -14.24 -3.80
C ARG C 112 23.72 -14.53 -3.23
N ARG C 113 23.63 -15.41 -2.25
CA ARG C 113 22.33 -15.70 -1.66
C ARG C 113 22.28 -15.20 -0.22
N VAL C 114 21.51 -14.14 0.01
CA VAL C 114 21.39 -13.55 1.35
C VAL C 114 19.94 -13.39 1.78
N LEU C 115 19.55 -14.11 2.84
CA LEU C 115 18.19 -14.04 3.35
C LEU C 115 18.12 -13.01 4.48
N GLU C 116 17.43 -11.90 4.21
CA GLU C 116 17.30 -10.81 5.16
C GLU C 116 16.04 -10.84 6.03
N LEU C 117 16.15 -11.45 7.20
CA LEU C 117 15.03 -11.58 8.12
C LEU C 117 14.46 -10.23 8.55
N HIS C 118 15.27 -9.17 8.43
CA HIS C 118 14.84 -7.84 8.81
C HIS C 118 14.86 -6.87 7.63
N GLY C 119 15.05 -7.42 6.44
CA GLY C 119 15.10 -6.59 5.25
C GLY C 119 16.36 -5.74 5.21
N SER C 120 16.32 -4.65 4.44
CA SER C 120 17.46 -3.77 4.33
C SER C 120 17.04 -2.37 3.89
N MET C 121 18.02 -1.48 3.78
CA MET C 121 17.75 -0.11 3.39
C MET C 121 17.97 0.11 1.91
N ASP C 122 18.06 -0.97 1.14
CA ASP C 122 18.28 -0.85 -0.30
C ASP C 122 17.11 -0.13 -0.99
N LYS C 123 15.91 -0.21 -0.42
CA LYS C 123 14.76 0.47 -1.00
C LYS C 123 13.90 1.13 0.06
N LEU C 124 13.25 2.23 -0.32
CA LEU C 124 12.41 2.98 0.61
C LEU C 124 11.08 3.32 -0.02
N ASP C 125 10.10 3.63 0.81
CA ASP C 125 8.77 3.97 0.31
C ASP C 125 8.20 5.17 1.04
N CYS C 126 7.57 6.07 0.31
CA CYS C 126 6.93 7.20 0.96
C CYS C 126 5.62 6.63 1.51
N LEU C 127 5.39 6.81 2.81
CA LEU C 127 4.19 6.28 3.43
C LEU C 127 2.90 7.05 3.11
N ASP C 128 3.03 8.23 2.50
CA ASP C 128 1.85 9.02 2.18
C ASP C 128 1.34 8.87 0.75
N CYS C 129 2.23 9.01 -0.23
CA CYS C 129 1.83 8.89 -1.63
C CYS C 129 2.31 7.58 -2.28
N HIS C 130 3.10 6.80 -1.54
CA HIS C 130 3.61 5.50 -1.97
C HIS C 130 4.69 5.44 -3.06
N GLU C 131 5.37 6.55 -3.32
CA GLU C 131 6.43 6.53 -4.31
C GLU C 131 7.54 5.65 -3.74
N THR C 132 8.22 4.90 -4.59
CA THR C 132 9.29 4.04 -4.13
C THR C 132 10.63 4.65 -4.56
N TYR C 133 11.67 4.43 -3.77
CA TYR C 133 13.00 4.96 -4.06
C TYR C 133 14.12 3.96 -3.80
N ASP C 134 15.25 4.16 -4.49
CA ASP C 134 16.43 3.32 -4.29
C ASP C 134 17.26 4.09 -3.26
N TRP C 135 18.08 3.38 -2.51
CA TRP C 135 18.94 4.02 -1.52
C TRP C 135 19.72 5.14 -2.20
N SER C 136 20.26 4.85 -3.37
CA SER C 136 21.05 5.82 -4.12
C SER C 136 20.41 7.19 -4.34
N GLU C 137 19.09 7.27 -4.24
CA GLU C 137 18.37 8.53 -4.46
C GLU C 137 18.55 9.58 -3.37
N PHE C 138 19.06 9.19 -2.20
CA PHE C 138 19.23 10.19 -1.15
C PHE C 138 20.66 10.37 -0.68
N VAL C 139 21.62 9.89 -1.47
CA VAL C 139 23.03 10.01 -1.11
C VAL C 139 23.43 11.47 -0.83
N GLU C 140 22.98 12.39 -1.68
CA GLU C 140 23.30 13.80 -1.50
C GLU C 140 22.65 14.38 -0.24
N ASP C 141 21.40 13.97 0.01
CA ASP C 141 20.68 14.44 1.19
C ASP C 141 21.46 14.04 2.43
N PHE C 142 21.76 12.75 2.55
CA PHE C 142 22.52 12.25 3.68
C PHE C 142 23.87 12.95 3.83
N ASN C 143 24.61 13.03 2.72
CA ASN C 143 25.92 13.66 2.73
C ASN C 143 25.90 15.05 3.38
N LYS C 144 24.84 15.81 3.12
CA LYS C 144 24.73 17.15 3.69
C LYS C 144 23.92 17.18 4.98
N GLY C 145 23.98 16.09 5.73
CA GLY C 145 23.27 16.01 7.00
C GLY C 145 21.76 16.03 7.04
N GLU C 146 21.07 15.90 5.90
CA GLU C 146 19.60 15.90 5.91
C GLU C 146 18.99 14.49 5.85
N ILE C 147 17.65 14.41 5.96
CA ILE C 147 16.97 13.12 5.91
C ILE C 147 16.17 13.00 4.63
N PRO C 148 15.84 11.76 4.23
CA PRO C 148 15.07 11.53 3.00
C PRO C 148 13.71 12.22 3.01
N ARG C 149 13.37 12.84 1.88
CA ARG C 149 12.10 13.54 1.74
C ARG C 149 11.50 13.23 0.38
N CYS C 150 10.26 12.76 0.35
CA CYS C 150 9.62 12.41 -0.92
C CYS C 150 9.69 13.56 -1.93
N ARG C 151 10.22 13.26 -3.12
CA ARG C 151 10.34 14.24 -4.19
C ARG C 151 8.98 14.57 -4.78
N LYS C 152 8.07 13.61 -4.71
CA LYS C 152 6.75 13.76 -5.29
C LYS C 152 5.72 14.49 -4.41
N CYS C 153 5.68 14.20 -3.12
CA CYS C 153 4.70 14.84 -2.26
C CYS C 153 5.28 15.71 -1.15
N GLY C 154 6.60 15.63 -0.95
CA GLY C 154 7.26 16.41 0.09
C GLY C 154 7.20 15.84 1.50
N SER C 155 6.68 14.62 1.61
CA SER C 155 6.56 13.96 2.91
C SER C 155 7.92 13.57 3.48
N TYR C 156 8.01 13.55 4.81
CA TYR C 156 9.24 13.17 5.49
C TYR C 156 9.11 11.74 6.01
N TYR C 157 8.08 11.05 5.53
CA TYR C 157 7.84 9.68 5.97
C TYR C 157 8.29 8.68 4.92
N VAL C 158 9.56 8.78 4.55
CA VAL C 158 10.15 7.88 3.57
C VAL C 158 10.73 6.74 4.40
N LYS C 159 9.99 5.63 4.47
CA LYS C 159 10.43 4.49 5.28
C LYS C 159 11.23 3.44 4.55
N PRO C 160 12.41 3.09 5.08
CA PRO C 160 13.24 2.06 4.45
C PRO C 160 12.54 0.72 4.62
N ARG C 161 12.80 -0.21 3.71
CA ARG C 161 12.17 -1.53 3.77
C ARG C 161 12.83 -2.48 4.77
N VAL C 162 12.78 -2.08 6.04
CA VAL C 162 13.34 -2.87 7.10
C VAL C 162 12.22 -3.15 8.07
N VAL C 163 12.41 -4.15 8.91
CA VAL C 163 11.42 -4.51 9.92
C VAL C 163 11.68 -3.70 11.18
N LEU C 164 10.71 -2.89 11.58
CA LEU C 164 10.84 -2.07 12.78
C LEU C 164 10.05 -2.71 13.91
N PHE C 165 10.32 -2.27 15.14
CA PHE C 165 9.58 -2.81 16.26
C PHE C 165 8.12 -2.43 16.04
N GLY C 166 7.24 -3.42 16.09
CA GLY C 166 5.83 -3.14 15.90
C GLY C 166 5.32 -3.60 14.55
N GLU C 167 6.21 -4.10 13.71
CA GLU C 167 5.79 -4.58 12.40
C GLU C 167 5.86 -6.10 12.40
N PRO C 168 5.08 -6.75 11.51
CA PRO C 168 5.09 -8.21 11.47
C PRO C 168 6.40 -8.69 10.87
N LEU C 169 7.02 -9.66 11.51
CA LEU C 169 8.28 -10.18 10.97
C LEU C 169 7.87 -10.80 9.64
N PRO C 170 8.63 -10.52 8.57
CA PRO C 170 8.25 -11.11 7.29
C PRO C 170 8.12 -12.62 7.44
N GLN C 171 6.90 -13.08 7.72
CA GLN C 171 6.64 -14.49 7.94
C GLN C 171 6.92 -15.43 6.76
N ARG C 172 7.13 -14.88 5.56
CA ARG C 172 7.44 -15.74 4.43
C ARG C 172 8.93 -16.01 4.33
N THR C 173 9.75 -14.96 4.15
CA THR C 173 11.20 -15.14 4.07
C THR C 173 11.69 -15.93 5.28
N LEU C 174 10.96 -15.80 6.38
CA LEU C 174 11.26 -16.49 7.61
C LEU C 174 11.16 -17.97 7.26
N PHE C 175 10.01 -18.33 6.70
CA PHE C 175 9.70 -19.69 6.29
C PHE C 175 10.80 -20.23 5.37
N GLU C 176 11.40 -19.36 4.58
CA GLU C 176 12.46 -19.79 3.67
C GLU C 176 13.78 -20.03 4.41
N ALA C 177 14.01 -19.25 5.47
CA ALA C 177 15.21 -19.38 6.28
C ALA C 177 15.18 -20.73 6.99
N ILE C 178 13.99 -21.11 7.43
CA ILE C 178 13.78 -22.39 8.12
C ILE C 178 14.07 -23.57 7.20
N GLU C 179 13.64 -23.48 5.94
CA GLU C 179 13.88 -24.54 4.97
C GLU C 179 15.38 -24.64 4.68
N GLU C 180 16.07 -23.51 4.80
CA GLU C 180 17.49 -23.46 4.55
C GLU C 180 18.18 -24.26 5.65
N ALA C 181 17.74 -24.06 6.89
CA ALA C 181 18.30 -24.75 8.03
C ALA C 181 18.06 -26.24 7.89
N LYS C 182 16.85 -26.60 7.47
CA LYS C 182 16.46 -27.99 7.31
C LYS C 182 17.30 -28.83 6.34
N HIS C 183 17.89 -28.24 5.32
CA HIS C 183 18.66 -29.05 4.39
C HIS C 183 20.14 -28.72 4.24
N CYS C 184 20.70 -27.93 5.13
CA CYS C 184 22.11 -27.60 5.03
C CYS C 184 22.88 -28.77 5.62
N ASP C 185 24.17 -28.87 5.35
CA ASP C 185 24.97 -29.96 5.90
C ASP C 185 25.91 -29.42 6.99
N ALA C 186 26.10 -28.10 6.97
CA ALA C 186 26.92 -27.40 7.96
C ALA C 186 26.21 -26.07 8.25
N PHE C 187 26.09 -25.72 9.52
CA PHE C 187 25.42 -24.48 9.93
C PHE C 187 26.34 -23.65 10.79
N MET C 188 26.73 -22.47 10.30
CA MET C 188 27.65 -21.62 11.06
C MET C 188 27.10 -20.27 11.49
N VAL C 189 27.13 -20.04 12.80
CA VAL C 189 26.67 -18.79 13.38
C VAL C 189 27.85 -17.88 13.60
N VAL C 190 27.72 -16.62 13.19
CA VAL C 190 28.80 -15.66 13.35
C VAL C 190 28.28 -14.32 13.86
N GLY C 191 28.76 -13.92 15.03
CA GLY C 191 28.36 -12.63 15.59
C GLY C 191 26.89 -12.47 15.96
N SER C 192 26.34 -13.49 16.61
CA SER C 192 24.95 -13.42 17.06
C SER C 192 24.84 -14.04 18.44
N SER C 193 24.05 -13.39 19.29
CA SER C 193 23.85 -13.88 20.65
C SER C 193 22.74 -14.93 20.65
N LEU C 194 22.13 -15.14 19.49
CA LEU C 194 21.05 -16.11 19.34
C LEU C 194 19.90 -15.82 20.32
N VAL C 195 19.40 -14.58 20.26
CA VAL C 195 18.33 -14.14 21.14
C VAL C 195 17.07 -13.71 20.39
N VAL C 196 17.24 -13.00 19.28
CA VAL C 196 16.10 -12.52 18.51
C VAL C 196 15.52 -13.56 17.57
N TYR C 197 14.25 -13.89 17.79
CA TYR C 197 13.55 -14.88 16.98
C TYR C 197 13.75 -14.60 15.50
N PRO C 198 14.03 -15.65 14.71
CA PRO C 198 14.18 -17.06 15.06
C PRO C 198 15.61 -17.52 15.38
N ALA C 199 16.51 -16.59 15.70
CA ALA C 199 17.90 -16.94 15.99
C ALA C 199 18.10 -18.12 16.95
N ALA C 200 17.34 -18.17 18.03
CA ALA C 200 17.48 -19.26 19.00
C ALA C 200 16.89 -20.59 18.53
N GLU C 201 16.17 -20.58 17.42
CA GLU C 201 15.55 -21.80 16.92
C GLU C 201 16.20 -22.46 15.72
N LEU C 202 16.81 -21.68 14.84
CA LEU C 202 17.45 -22.26 13.67
C LEU C 202 18.50 -23.31 13.97
N PRO C 203 19.36 -23.08 15.00
CA PRO C 203 20.39 -24.07 15.31
C PRO C 203 19.83 -25.47 15.58
N TYR C 204 18.76 -25.52 16.37
CA TYR C 204 18.12 -26.79 16.70
C TYR C 204 17.52 -27.43 15.47
N ILE C 205 16.92 -26.62 14.62
CA ILE C 205 16.33 -27.13 13.39
C ILE C 205 17.43 -27.75 12.53
N ALA C 206 18.57 -27.07 12.45
CA ALA C 206 19.70 -27.57 11.64
C ALA C 206 20.33 -28.80 12.29
N LYS C 207 20.36 -28.83 13.62
CA LYS C 207 20.94 -29.96 14.31
C LYS C 207 20.07 -31.19 14.09
N LYS C 208 18.76 -31.03 14.23
CA LYS C 208 17.84 -32.14 14.03
C LYS C 208 18.00 -32.70 12.63
N ALA C 209 18.30 -31.83 11.66
CA ALA C 209 18.49 -32.24 10.28
C ALA C 209 19.84 -32.92 10.05
N GLY C 210 20.66 -32.98 11.09
CA GLY C 210 21.95 -33.64 10.97
C GLY C 210 23.12 -32.77 10.57
N ALA C 211 22.92 -31.46 10.56
CA ALA C 211 24.00 -30.56 10.19
C ALA C 211 25.08 -30.49 11.26
N LYS C 212 26.29 -30.15 10.82
CA LYS C 212 27.44 -29.99 11.71
C LYS C 212 27.42 -28.54 12.11
N MET C 213 27.68 -28.22 13.37
CA MET C 213 27.58 -26.83 13.75
C MET C 213 28.76 -26.12 14.40
N ILE C 214 28.93 -24.88 13.97
CA ILE C 214 30.00 -24.02 14.41
C ILE C 214 29.47 -22.65 14.84
N ILE C 215 29.94 -22.14 15.97
CA ILE C 215 29.53 -20.81 16.38
C ILE C 215 30.76 -19.96 16.70
N VAL C 216 30.83 -18.81 16.05
CA VAL C 216 31.91 -17.86 16.24
C VAL C 216 31.26 -16.60 16.80
N ASN C 217 31.60 -16.25 18.03
CA ASN C 217 31.01 -15.09 18.66
C ASN C 217 31.93 -14.49 19.73
N ALA C 218 31.77 -13.19 20.00
CA ALA C 218 32.59 -12.49 20.99
C ALA C 218 32.44 -13.11 22.37
N GLU C 219 31.21 -13.49 22.70
CA GLU C 219 30.95 -14.10 23.99
C GLU C 219 30.11 -15.36 23.84
N PRO C 220 29.96 -16.14 24.92
CA PRO C 220 29.17 -17.38 24.84
C PRO C 220 27.67 -17.15 24.84
N THR C 221 26.95 -18.05 24.19
CA THR C 221 25.51 -17.97 24.12
C THR C 221 24.97 -19.16 24.91
N MET C 222 23.70 -19.08 25.28
CA MET C 222 23.06 -20.12 26.05
C MET C 222 23.02 -21.46 25.31
N ALA C 223 23.12 -21.42 23.98
CA ALA C 223 23.07 -22.62 23.17
C ALA C 223 24.41 -23.23 22.79
N ASP C 224 25.51 -22.61 23.22
CA ASP C 224 26.86 -23.09 22.91
C ASP C 224 27.02 -24.62 22.98
N PRO C 225 26.58 -25.25 24.09
CA PRO C 225 26.70 -26.69 24.25
C PRO C 225 26.28 -27.60 23.11
N ILE C 226 25.25 -27.22 22.36
CA ILE C 226 24.77 -28.07 21.27
C ILE C 226 25.58 -27.93 19.97
N PHE C 227 26.58 -27.06 19.97
CA PHE C 227 27.41 -26.86 18.79
C PHE C 227 28.62 -27.80 18.85
N ASP C 228 29.12 -28.20 17.69
CA ASP C 228 30.28 -29.08 17.64
C ASP C 228 31.56 -28.27 17.90
N VAL C 229 31.62 -27.08 17.30
CA VAL C 229 32.79 -26.22 17.47
C VAL C 229 32.37 -24.85 17.99
N LYS C 230 33.01 -24.42 19.07
CA LYS C 230 32.75 -23.13 19.70
C LYS C 230 34.02 -22.30 19.65
N ILE C 231 33.91 -21.06 19.17
CA ILE C 231 35.07 -20.16 19.07
C ILE C 231 34.75 -18.78 19.62
N ILE C 232 35.54 -18.33 20.60
CA ILE C 232 35.36 -17.01 21.18
C ILE C 232 36.39 -16.07 20.56
N GLY C 233 35.92 -14.97 19.99
CA GLY C 233 36.83 -14.02 19.37
C GLY C 233 36.12 -13.10 18.42
N LYS C 234 36.86 -12.15 17.85
CA LYS C 234 36.25 -11.21 16.90
C LYS C 234 36.07 -11.88 15.56
N ALA C 235 34.91 -11.65 14.94
CA ALA C 235 34.57 -12.24 13.65
C ALA C 235 35.59 -11.94 12.54
N GLY C 236 35.97 -10.67 12.43
CA GLY C 236 36.94 -10.25 11.43
C GLY C 236 38.30 -10.90 11.57
N GLU C 237 38.57 -11.54 12.70
CA GLU C 237 39.86 -12.17 12.87
C GLU C 237 39.79 -13.69 12.73
N VAL C 238 38.73 -14.30 13.25
CA VAL C 238 38.59 -15.76 13.17
C VAL C 238 38.23 -16.25 11.78
N LEU C 239 37.20 -15.65 11.18
CA LEU C 239 36.77 -16.08 9.86
C LEU C 239 37.87 -16.19 8.82
N PRO C 240 38.62 -15.11 8.58
CA PRO C 240 39.69 -15.21 7.58
C PRO C 240 40.70 -16.32 7.87
N LYS C 241 40.87 -16.68 9.14
CA LYS C 241 41.80 -17.74 9.52
C LYS C 241 41.19 -19.11 9.24
N ILE C 242 39.88 -19.21 9.41
CA ILE C 242 39.19 -20.48 9.15
C ILE C 242 39.31 -20.77 7.67
N VAL C 243 39.15 -19.74 6.85
CA VAL C 243 39.24 -19.87 5.40
C VAL C 243 40.64 -20.30 4.97
N GLU C 244 41.66 -19.73 5.61
CA GLU C 244 43.04 -20.08 5.28
C GLU C 244 43.29 -21.56 5.56
N GLU C 245 42.74 -22.03 6.67
CA GLU C 245 42.90 -23.43 7.04
C GLU C 245 42.16 -24.33 6.05
N VAL C 246 41.05 -23.85 5.53
CA VAL C 246 40.27 -24.63 4.56
C VAL C 246 41.06 -24.72 3.26
N LYS C 247 41.59 -23.59 2.82
CA LYS C 247 42.38 -23.55 1.59
C LYS C 247 43.58 -24.47 1.75
N ARG C 248 44.23 -24.42 2.91
CA ARG C 248 45.37 -25.27 3.18
C ARG C 248 44.95 -26.72 3.03
N LEU C 249 43.95 -27.11 3.82
CA LEU C 249 43.43 -28.48 3.79
C LEU C 249 43.27 -29.00 2.36
N ARG C 250 42.78 -28.14 1.46
CA ARG C 250 42.58 -28.51 0.07
C ARG C 250 43.87 -28.52 -0.73
N SER C 251 44.75 -27.56 -0.46
CA SER C 251 46.03 -27.46 -1.14
C SER C 251 46.96 -28.58 -0.67
N GLU C 252 47.37 -28.49 0.59
CA GLU C 252 48.24 -29.50 1.20
C GLU C 252 47.35 -30.55 1.88
N GLU D 2 20.60 16.56 -21.25
CA GLU D 2 19.55 17.22 -20.43
C GLU D 2 19.28 18.64 -20.92
N ASP D 3 20.09 19.12 -21.86
CA ASP D 3 19.90 20.46 -22.39
C ASP D 3 18.75 20.46 -23.41
N GLU D 4 18.89 19.65 -24.45
CA GLU D 4 17.86 19.55 -25.47
C GLU D 4 16.56 19.07 -24.84
N ILE D 5 16.69 18.21 -23.83
CA ILE D 5 15.51 17.70 -23.12
C ILE D 5 14.70 18.83 -22.51
N ARG D 6 15.40 19.82 -21.94
CA ARG D 6 14.73 20.96 -21.34
C ARG D 6 13.99 21.76 -22.41
N LYS D 7 14.64 21.94 -23.57
CA LYS D 7 14.03 22.68 -24.66
C LYS D 7 12.79 21.97 -25.21
N ALA D 8 12.90 20.66 -25.45
CA ALA D 8 11.78 19.88 -25.95
C ALA D 8 10.58 20.06 -25.03
N ALA D 9 10.82 19.98 -23.73
CA ALA D 9 9.76 20.14 -22.75
C ALA D 9 9.18 21.53 -22.86
N GLU D 10 10.05 22.49 -23.17
CA GLU D 10 9.64 23.89 -23.31
C GLU D 10 8.63 24.05 -24.44
N ILE D 11 8.93 23.45 -25.59
CA ILE D 11 8.05 23.52 -26.75
C ILE D 11 6.72 22.85 -26.45
N LEU D 12 6.78 21.65 -25.90
CA LEU D 12 5.58 20.90 -25.57
C LEU D 12 4.73 21.67 -24.55
N ALA D 13 5.40 22.23 -23.55
CA ALA D 13 4.69 22.99 -22.52
C ALA D 13 3.90 24.14 -23.11
N LYS D 14 4.42 24.75 -24.17
CA LYS D 14 3.77 25.88 -24.81
C LYS D 14 2.79 25.53 -25.93
N SER D 15 2.86 24.31 -26.46
CA SER D 15 1.95 23.93 -27.55
C SER D 15 0.67 23.28 -27.05
N LYS D 16 -0.41 23.42 -27.83
CA LYS D 16 -1.70 22.86 -27.44
C LYS D 16 -2.29 21.85 -28.43
N HIS D 17 -1.53 21.51 -29.46
CA HIS D 17 -2.01 20.54 -30.44
C HIS D 17 -0.82 19.77 -31.02
N ALA D 18 -0.04 19.16 -30.16
CA ALA D 18 1.13 18.40 -30.58
C ALA D 18 0.75 17.03 -31.16
N VAL D 19 1.60 16.56 -32.08
CA VAL D 19 1.41 15.28 -32.74
C VAL D 19 2.71 14.49 -32.63
N VAL D 20 2.60 13.22 -32.27
CA VAL D 20 3.75 12.36 -32.12
C VAL D 20 3.75 11.25 -33.18
N PHE D 21 4.91 11.00 -33.78
CA PHE D 21 5.04 9.93 -34.77
C PHE D 21 6.00 8.92 -34.18
N THR D 22 5.62 7.65 -34.17
CA THR D 22 6.51 6.65 -33.61
C THR D 22 6.79 5.52 -34.58
N GLY D 23 8.03 5.04 -34.52
CA GLY D 23 8.45 3.95 -35.39
C GLY D 23 8.84 2.76 -34.52
N ALA D 24 9.45 1.74 -35.13
CA ALA D 24 9.86 0.54 -34.40
C ALA D 24 10.80 0.85 -33.25
N GLY D 25 11.53 1.94 -33.37
CA GLY D 25 12.47 2.33 -32.33
C GLY D 25 11.89 2.60 -30.94
N ILE D 26 10.61 2.92 -30.85
CA ILE D 26 10.04 3.18 -29.54
C ILE D 26 9.94 1.88 -28.74
N SER D 27 9.42 0.84 -29.38
CA SER D 27 9.25 -0.45 -28.74
C SER D 27 10.57 -1.20 -28.56
N ALA D 28 11.69 -0.50 -28.71
CA ALA D 28 13.00 -1.15 -28.55
C ALA D 28 13.24 -1.58 -27.10
N GLU D 29 12.64 -0.84 -26.16
CA GLU D 29 12.77 -1.13 -24.74
C GLU D 29 11.57 -1.94 -24.24
N SER D 30 10.65 -2.24 -25.15
CA SER D 30 9.45 -2.98 -24.80
C SER D 30 9.60 -4.48 -25.07
N GLY D 31 10.64 -4.83 -25.83
CA GLY D 31 10.89 -6.23 -26.15
C GLY D 31 10.62 -6.64 -27.59
N ILE D 32 10.34 -5.67 -28.47
CA ILE D 32 10.07 -5.95 -29.87
C ILE D 32 11.17 -5.35 -30.74
N PRO D 33 12.24 -6.11 -31.01
CA PRO D 33 13.36 -5.63 -31.84
C PRO D 33 12.91 -4.91 -33.11
N THR D 34 13.57 -3.79 -33.40
CA THR D 34 13.26 -2.99 -34.57
C THR D 34 13.39 -3.75 -35.89
N PHE D 35 13.14 -3.05 -36.99
CA PHE D 35 13.23 -3.61 -38.33
C PHE D 35 14.68 -3.89 -38.72
N ARG D 36 15.62 -3.30 -37.96
CA ARG D 36 17.04 -3.47 -38.22
C ARG D 36 17.39 -4.93 -38.47
N GLY D 37 18.16 -5.15 -39.53
CA GLY D 37 18.54 -6.50 -39.89
C GLY D 37 17.70 -6.88 -41.10
N GLU D 38 17.12 -5.87 -41.75
CA GLU D 38 16.30 -6.08 -42.94
C GLU D 38 17.03 -6.95 -43.95
N ASP D 39 18.28 -6.58 -44.20
CA ASP D 39 19.12 -7.32 -45.13
C ASP D 39 19.16 -8.80 -44.73
N GLY D 40 19.23 -9.04 -43.41
CA GLY D 40 19.27 -10.39 -42.89
C GLY D 40 17.93 -11.12 -42.91
N LEU D 41 16.90 -10.50 -42.34
CA LEU D 41 15.58 -11.11 -42.29
C LEU D 41 15.15 -11.63 -43.66
N TRP D 42 15.12 -10.74 -44.64
CA TRP D 42 14.73 -11.11 -45.98
C TRP D 42 15.77 -12.01 -46.65
N ARG D 43 16.72 -12.48 -45.86
CA ARG D 43 17.74 -13.41 -46.37
C ARG D 43 17.37 -14.79 -45.83
N LYS D 44 16.75 -14.82 -44.64
CA LYS D 44 16.34 -16.08 -44.03
C LYS D 44 14.92 -16.46 -44.49
N TYR D 45 14.11 -15.46 -44.82
CA TYR D 45 12.75 -15.71 -45.30
C TYR D 45 12.52 -14.99 -46.62
N ASP D 46 11.58 -15.49 -47.40
CA ASP D 46 11.24 -14.87 -48.67
C ASP D 46 9.99 -14.04 -48.42
N PRO D 47 10.14 -12.71 -48.38
CA PRO D 47 9.00 -11.82 -48.14
C PRO D 47 7.82 -12.13 -49.03
N GLU D 48 8.12 -12.44 -50.30
CA GLU D 48 7.09 -12.75 -51.28
C GLU D 48 6.21 -13.93 -50.87
N GLU D 49 6.72 -14.82 -50.02
CA GLU D 49 5.93 -15.98 -49.61
C GLU D 49 5.38 -15.89 -48.20
N VAL D 50 6.11 -15.25 -47.30
CA VAL D 50 5.66 -15.16 -45.92
C VAL D 50 4.97 -13.86 -45.53
N ALA D 51 5.17 -12.80 -46.31
CA ALA D 51 4.59 -11.51 -45.95
C ALA D 51 3.85 -10.73 -47.04
N SER D 52 3.34 -11.41 -48.06
CA SER D 52 2.60 -10.76 -49.13
C SER D 52 1.20 -11.34 -49.18
N ILE D 53 0.28 -10.62 -49.79
CA ILE D 53 -1.08 -11.13 -49.86
C ILE D 53 -1.16 -12.31 -50.85
N SER D 54 -0.31 -12.30 -51.88
CA SER D 54 -0.34 -13.40 -52.84
C SER D 54 0.20 -14.67 -52.18
N GLY D 55 1.25 -14.52 -51.38
CA GLY D 55 1.82 -15.66 -50.68
C GLY D 55 0.86 -16.24 -49.67
N PHE D 56 0.13 -15.37 -48.97
CA PHE D 56 -0.83 -15.78 -47.96
C PHE D 56 -1.95 -16.63 -48.57
N LYS D 57 -2.39 -16.27 -49.78
CA LYS D 57 -3.46 -17.03 -50.45
C LYS D 57 -2.92 -18.36 -51.00
N ARG D 58 -1.63 -18.38 -51.30
CA ARG D 58 -0.98 -19.56 -51.83
C ARG D 58 -0.80 -20.55 -50.69
N ASN D 59 -0.38 -20.03 -49.53
CA ASN D 59 -0.14 -20.88 -48.36
C ASN D 59 -0.13 -20.03 -47.08
N PRO D 60 -1.28 -19.93 -46.41
CA PRO D 60 -1.40 -19.14 -45.17
C PRO D 60 -0.48 -19.61 -44.05
N ARG D 61 -0.10 -20.87 -44.08
CA ARG D 61 0.78 -21.42 -43.06
C ARG D 61 2.18 -20.79 -43.07
N ALA D 62 2.62 -20.33 -44.24
CA ALA D 62 3.94 -19.72 -44.32
C ALA D 62 3.96 -18.43 -43.50
N PHE D 63 2.94 -17.60 -43.66
CA PHE D 63 2.86 -16.36 -42.91
C PHE D 63 2.78 -16.64 -41.40
N TRP D 64 1.94 -17.57 -41.01
CA TRP D 64 1.81 -17.89 -39.60
C TRP D 64 3.03 -18.61 -39.01
N GLU D 65 3.73 -19.39 -39.83
CA GLU D 65 4.91 -20.06 -39.31
C GLU D 65 5.96 -18.98 -39.10
N PHE D 66 6.01 -18.04 -40.05
CA PHE D 66 6.93 -16.91 -40.00
C PHE D 66 6.67 -16.05 -38.76
N SER D 67 5.40 -15.75 -38.50
CA SER D 67 5.03 -14.92 -37.36
C SER D 67 5.36 -15.56 -36.03
N MET D 68 5.14 -16.86 -35.93
CA MET D 68 5.43 -17.61 -34.71
C MET D 68 6.91 -17.63 -34.38
N GLU D 69 7.75 -17.78 -35.41
CA GLU D 69 9.18 -17.83 -35.22
C GLU D 69 9.76 -16.45 -34.89
N MET D 70 9.00 -15.40 -35.19
CA MET D 70 9.45 -14.04 -34.93
C MET D 70 8.59 -13.30 -33.88
N LYS D 71 7.83 -14.04 -33.07
CA LYS D 71 6.96 -13.40 -32.08
C LYS D 71 7.66 -12.49 -31.07
N ASP D 72 8.99 -12.44 -31.10
CA ASP D 72 9.76 -11.57 -30.21
C ASP D 72 9.78 -11.99 -28.74
N LYS D 73 8.95 -11.34 -27.92
CA LYS D 73 8.88 -11.63 -26.49
C LYS D 73 7.46 -11.90 -25.98
N LEU D 74 7.36 -12.78 -24.99
CA LEU D 74 6.08 -13.16 -24.38
C LEU D 74 5.62 -12.15 -23.34
N PHE D 75 4.31 -12.08 -23.14
CA PHE D 75 3.69 -11.16 -22.18
C PHE D 75 4.11 -9.71 -22.40
N ALA D 76 4.45 -9.38 -23.66
CA ALA D 76 4.89 -8.02 -24.01
C ALA D 76 3.93 -6.98 -23.44
N GLU D 77 4.40 -5.75 -23.34
CA GLU D 77 3.58 -4.67 -22.81
C GLU D 77 4.22 -3.32 -23.07
N PRO D 78 3.43 -2.24 -22.95
CA PRO D 78 3.92 -0.88 -23.18
C PRO D 78 5.10 -0.57 -22.28
N ASN D 79 6.05 0.22 -22.81
CA ASN D 79 7.21 0.61 -22.02
C ASN D 79 7.00 2.07 -21.58
N PRO D 80 7.92 2.63 -20.78
CA PRO D 80 7.76 4.01 -20.33
C PRO D 80 7.58 5.12 -21.38
N ALA D 81 8.04 4.90 -22.60
CA ALA D 81 7.87 5.92 -23.62
C ALA D 81 6.39 5.97 -24.00
N HIS D 82 5.77 4.79 -24.14
CA HIS D 82 4.35 4.75 -24.49
C HIS D 82 3.51 5.43 -23.40
N TYR D 83 3.84 5.18 -22.14
CA TYR D 83 3.07 5.79 -21.05
C TYR D 83 3.33 7.29 -20.97
N ALA D 84 4.51 7.71 -21.45
CA ALA D 84 4.86 9.13 -21.44
C ALA D 84 4.01 9.90 -22.46
N ILE D 85 3.84 9.33 -23.64
CA ILE D 85 3.05 9.97 -24.68
C ILE D 85 1.56 9.99 -24.32
N ALA D 86 1.06 8.88 -23.77
CA ALA D 86 -0.34 8.80 -23.35
C ALA D 86 -0.61 9.86 -22.28
N GLU D 87 0.39 10.12 -21.44
CA GLU D 87 0.28 11.10 -20.39
C GLU D 87 0.18 12.51 -20.97
N LEU D 88 1.02 12.80 -21.96
CA LEU D 88 1.00 14.10 -22.60
C LEU D 88 -0.36 14.39 -23.21
N GLU D 89 -1.02 13.34 -23.70
CA GLU D 89 -2.35 13.51 -24.28
C GLU D 89 -3.29 13.84 -23.15
N ARG D 90 -3.20 13.05 -22.09
CA ARG D 90 -4.05 13.25 -20.94
C ARG D 90 -3.88 14.69 -20.44
N MET D 91 -2.68 15.22 -20.61
CA MET D 91 -2.38 16.59 -20.17
C MET D 91 -2.92 17.66 -21.11
N GLY D 92 -3.56 17.23 -22.19
CA GLY D 92 -4.12 18.17 -23.15
C GLY D 92 -3.08 18.84 -24.03
N ILE D 93 -1.95 18.17 -24.25
CA ILE D 93 -0.88 18.70 -25.08
C ILE D 93 -0.85 17.94 -26.41
N VAL D 94 -0.75 16.62 -26.30
CA VAL D 94 -0.72 15.74 -27.46
C VAL D 94 -2.14 15.41 -27.91
N LYS D 95 -2.43 15.64 -29.18
CA LYS D 95 -3.75 15.38 -29.72
C LYS D 95 -3.83 14.18 -30.67
N ALA D 96 -2.69 13.60 -31.01
CA ALA D 96 -2.68 12.47 -31.90
C ALA D 96 -1.36 11.75 -31.93
N VAL D 97 -1.43 10.44 -32.11
CA VAL D 97 -0.25 9.62 -32.21
C VAL D 97 -0.33 8.89 -33.55
N ILE D 98 0.68 9.08 -34.38
CA ILE D 98 0.76 8.41 -35.67
C ILE D 98 1.84 7.34 -35.50
N THR D 99 1.56 6.11 -35.88
CA THR D 99 2.56 5.06 -35.72
C THR D 99 2.53 4.06 -36.85
N GLN D 100 3.67 3.41 -37.07
CA GLN D 100 3.76 2.38 -38.10
C GLN D 100 3.75 1.03 -37.38
N ASN D 101 3.70 1.06 -36.04
CA ASN D 101 3.71 -0.16 -35.25
C ASN D 101 2.36 -0.87 -35.26
N ILE D 102 2.41 -2.19 -35.24
CA ILE D 102 1.20 -3.01 -35.29
C ILE D 102 0.90 -3.74 -34.00
N ASP D 103 1.61 -3.35 -32.94
CA ASP D 103 1.50 -3.97 -31.60
C ASP D 103 0.46 -3.41 -30.62
N MET D 104 -0.32 -2.42 -31.03
CA MET D 104 -1.34 -1.81 -30.17
C MET D 104 -0.82 -1.26 -28.85
N LEU D 105 0.49 -1.11 -28.72
CA LEU D 105 1.06 -0.60 -27.47
C LEU D 105 0.68 0.82 -27.06
N HIS D 106 0.36 1.69 -28.02
CA HIS D 106 -0.03 3.05 -27.67
C HIS D 106 -1.39 3.03 -26.98
N GLN D 107 -2.34 2.32 -27.57
CA GLN D 107 -3.68 2.25 -26.98
C GLN D 107 -3.60 1.56 -25.61
N ARG D 108 -2.86 0.46 -25.51
CA ARG D 108 -2.77 -0.25 -24.25
C ARG D 108 -2.18 0.64 -23.15
N ALA D 109 -1.31 1.57 -23.55
CA ALA D 109 -0.69 2.50 -22.60
C ALA D 109 -1.62 3.65 -22.25
N GLY D 110 -2.75 3.75 -22.96
CA GLY D 110 -3.70 4.80 -22.64
C GLY D 110 -3.98 5.89 -23.66
N SER D 111 -3.40 5.80 -24.86
CA SER D 111 -3.63 6.80 -25.89
C SER D 111 -5.01 6.62 -26.51
N ARG D 112 -5.73 7.73 -26.64
CA ARG D 112 -7.08 7.72 -27.19
C ARG D 112 -7.16 7.86 -28.71
N ARG D 113 -6.22 8.58 -29.31
CA ARG D 113 -6.24 8.76 -30.76
C ARG D 113 -4.95 8.23 -31.40
N VAL D 114 -5.05 7.08 -32.05
CA VAL D 114 -3.88 6.47 -32.68
C VAL D 114 -4.15 6.17 -34.14
N LEU D 115 -3.33 6.73 -35.02
CA LEU D 115 -3.48 6.51 -36.45
C LEU D 115 -2.48 5.44 -36.86
N GLU D 116 -2.97 4.22 -37.06
CA GLU D 116 -2.16 3.07 -37.43
C GLU D 116 -1.96 2.95 -38.93
N LEU D 117 -0.82 3.47 -39.40
CA LEU D 117 -0.50 3.47 -40.82
C LEU D 117 -0.27 2.09 -41.42
N HIS D 118 -0.01 1.08 -40.60
CA HIS D 118 0.20 -0.26 -41.13
C HIS D 118 -0.81 -1.25 -40.56
N GLY D 119 -1.94 -0.73 -40.08
CA GLY D 119 -2.97 -1.57 -39.51
C GLY D 119 -2.52 -2.14 -38.17
N SER D 120 -3.11 -3.26 -37.77
CA SER D 120 -2.72 -3.88 -36.51
C SER D 120 -3.14 -5.33 -36.44
N MET D 121 -2.53 -6.05 -35.49
CA MET D 121 -2.80 -7.47 -35.26
C MET D 121 -4.03 -7.68 -34.42
N ASP D 122 -4.62 -6.59 -33.93
CA ASP D 122 -5.79 -6.69 -33.05
C ASP D 122 -7.04 -7.30 -33.67
N LYS D 123 -7.25 -7.11 -34.97
CA LYS D 123 -8.42 -7.68 -35.64
C LYS D 123 -7.99 -8.62 -36.78
N LEU D 124 -8.76 -9.69 -36.99
CA LEU D 124 -8.46 -10.64 -38.05
C LEU D 124 -9.74 -11.05 -38.75
N ASP D 125 -9.60 -11.53 -39.99
CA ASP D 125 -10.76 -11.95 -40.78
C ASP D 125 -10.53 -13.28 -41.49
N CYS D 126 -11.58 -14.09 -41.54
CA CYS D 126 -11.50 -15.34 -42.28
C CYS D 126 -11.80 -14.90 -43.70
N LEU D 127 -10.86 -15.08 -44.61
CA LEU D 127 -11.07 -14.67 -46.00
C LEU D 127 -12.19 -15.45 -46.73
N ASP D 128 -12.61 -16.59 -46.18
CA ASP D 128 -13.66 -17.39 -46.84
C ASP D 128 -15.10 -17.10 -46.39
N CYS D 129 -15.38 -17.13 -45.10
CA CYS D 129 -16.73 -16.86 -44.62
C CYS D 129 -16.89 -15.45 -44.02
N HIS D 130 -15.77 -14.72 -43.96
CA HIS D 130 -15.76 -13.34 -43.46
C HIS D 130 -15.98 -13.08 -41.96
N GLU D 131 -15.94 -14.13 -41.15
CA GLU D 131 -16.11 -13.98 -39.71
C GLU D 131 -14.96 -13.11 -39.18
N THR D 132 -15.28 -12.18 -38.28
CA THR D 132 -14.23 -11.33 -37.72
C THR D 132 -13.82 -11.81 -36.33
N TYR D 133 -12.57 -11.57 -35.96
CA TYR D 133 -12.07 -12.01 -34.68
C TYR D 133 -11.16 -11.01 -34.00
N ASP D 134 -11.05 -11.16 -32.68
CA ASP D 134 -10.17 -10.34 -31.87
C ASP D 134 -8.92 -11.20 -31.69
N TRP D 135 -7.76 -10.56 -31.63
CA TRP D 135 -6.50 -11.29 -31.47
C TRP D 135 -6.57 -12.14 -30.20
N SER D 136 -7.34 -11.67 -29.23
CA SER D 136 -7.48 -12.37 -27.96
C SER D 136 -8.04 -13.78 -28.15
N GLU D 137 -8.79 -13.97 -29.24
CA GLU D 137 -9.38 -15.27 -29.54
C GLU D 137 -8.39 -16.30 -30.11
N PHE D 138 -7.20 -15.86 -30.52
CA PHE D 138 -6.22 -16.79 -31.08
C PHE D 138 -4.87 -16.77 -30.37
N VAL D 139 -4.61 -15.67 -29.64
CA VAL D 139 -3.36 -15.50 -28.93
C VAL D 139 -2.91 -16.75 -28.18
N GLU D 140 -3.87 -17.48 -27.63
CA GLU D 140 -3.61 -18.71 -26.88
C GLU D 140 -3.05 -19.82 -27.78
N ASP D 141 -3.81 -20.19 -28.81
CA ASP D 141 -3.38 -21.24 -29.73
C ASP D 141 -2.09 -20.86 -30.45
N PHE D 142 -1.96 -19.57 -30.77
CA PHE D 142 -0.79 -19.06 -31.46
C PHE D 142 0.48 -19.35 -30.66
N ASN D 143 0.46 -19.01 -29.38
CA ASN D 143 1.62 -19.24 -28.52
C ASN D 143 1.84 -20.70 -28.20
N LYS D 144 0.84 -21.52 -28.47
CA LYS D 144 0.95 -22.96 -28.24
C LYS D 144 1.51 -23.59 -29.52
N GLY D 145 1.69 -22.77 -30.55
CA GLY D 145 2.23 -23.25 -31.82
C GLY D 145 1.19 -23.74 -32.83
N GLU D 146 -0.09 -23.48 -32.55
CA GLU D 146 -1.18 -23.89 -33.44
C GLU D 146 -1.68 -22.72 -34.28
N ILE D 147 -1.78 -22.94 -35.59
CA ILE D 147 -2.22 -21.91 -36.50
C ILE D 147 -3.66 -21.45 -36.29
N PRO D 148 -3.92 -20.14 -36.43
CA PRO D 148 -5.29 -19.65 -36.24
C PRO D 148 -6.19 -20.29 -37.30
N ARG D 149 -7.34 -20.79 -36.88
CA ARG D 149 -8.26 -21.44 -37.79
C ARG D 149 -9.67 -20.87 -37.58
N CYS D 150 -10.43 -20.68 -38.64
CA CYS D 150 -11.78 -20.14 -38.48
C CYS D 150 -12.65 -21.16 -37.77
N ARG D 151 -13.19 -20.79 -36.61
CA ARG D 151 -14.05 -21.70 -35.85
C ARG D 151 -15.46 -21.76 -36.40
N LYS D 152 -15.78 -20.89 -37.34
CA LYS D 152 -17.10 -20.88 -37.92
C LYS D 152 -17.14 -21.76 -39.18
N CYS D 153 -16.15 -21.63 -40.05
CA CYS D 153 -16.15 -22.43 -41.28
C CYS D 153 -14.99 -23.42 -41.41
N GLY D 154 -13.98 -23.30 -40.54
CA GLY D 154 -12.86 -24.22 -40.58
C GLY D 154 -11.70 -23.87 -41.50
N SER D 155 -11.80 -22.75 -42.19
CA SER D 155 -10.75 -22.32 -43.12
C SER D 155 -9.45 -21.93 -42.42
N TYR D 156 -8.32 -22.05 -43.14
CA TYR D 156 -7.05 -21.66 -42.56
C TYR D 156 -6.61 -20.32 -43.11
N TYR D 157 -7.59 -19.54 -43.57
CA TYR D 157 -7.31 -18.24 -44.12
C TYR D 157 -7.77 -17.14 -43.17
N VAL D 158 -7.16 -17.09 -41.98
CA VAL D 158 -7.49 -16.07 -41.01
C VAL D 158 -6.35 -15.06 -41.11
N LYS D 159 -6.64 -13.90 -41.66
CA LYS D 159 -5.63 -12.88 -41.85
C LYS D 159 -5.81 -11.70 -40.91
N PRO D 160 -4.74 -11.28 -40.23
CA PRO D 160 -4.86 -10.13 -39.33
C PRO D 160 -4.91 -8.89 -40.21
N ARG D 161 -5.46 -7.80 -39.66
CA ARG D 161 -5.57 -6.57 -40.46
C ARG D 161 -4.34 -5.73 -40.55
N VAL D 162 -3.21 -6.36 -40.85
CA VAL D 162 -1.96 -5.64 -41.01
C VAL D 162 -1.77 -5.51 -42.52
N VAL D 163 -0.92 -4.58 -42.94
CA VAL D 163 -0.67 -4.37 -44.35
C VAL D 163 0.42 -5.32 -44.83
N LEU D 164 0.05 -6.21 -45.74
CA LEU D 164 0.97 -7.19 -46.30
C LEU D 164 1.51 -6.66 -47.62
N PHE D 165 2.68 -7.14 -48.05
CA PHE D 165 3.23 -6.69 -49.33
C PHE D 165 2.17 -7.00 -50.37
N GLY D 166 1.83 -6.01 -51.18
CA GLY D 166 0.82 -6.23 -52.21
C GLY D 166 -0.53 -5.61 -51.88
N GLU D 167 -0.71 -5.19 -50.64
CA GLU D 167 -1.95 -4.57 -50.23
C GLU D 167 -1.74 -3.06 -50.11
N PRO D 168 -2.82 -2.29 -50.21
CA PRO D 168 -2.65 -0.84 -50.09
C PRO D 168 -2.58 -0.37 -48.65
N LEU D 169 -1.92 0.77 -48.42
CA LEU D 169 -1.84 1.35 -47.09
C LEU D 169 -3.19 1.95 -46.81
N PRO D 170 -3.61 2.00 -45.53
CA PRO D 170 -4.92 2.58 -45.20
C PRO D 170 -4.99 4.02 -45.70
N GLN D 171 -5.72 4.23 -46.79
CA GLN D 171 -5.87 5.56 -47.38
C GLN D 171 -6.43 6.62 -46.43
N ARG D 172 -7.57 6.34 -45.83
CA ARG D 172 -8.20 7.29 -44.93
C ARG D 172 -7.34 7.61 -43.71
N THR D 173 -6.68 6.59 -43.18
CA THR D 173 -5.82 6.77 -42.03
C THR D 173 -4.63 7.61 -42.45
N LEU D 174 -4.14 7.34 -43.66
CA LEU D 174 -3.01 8.10 -44.19
C LEU D 174 -3.35 9.59 -44.34
N PHE D 175 -4.53 9.89 -44.89
CA PHE D 175 -4.91 11.29 -45.06
C PHE D 175 -5.08 12.03 -43.74
N GLU D 176 -5.69 11.36 -42.75
CA GLU D 176 -5.87 11.97 -41.44
C GLU D 176 -4.50 12.30 -40.87
N ALA D 177 -3.55 11.37 -41.02
CA ALA D 177 -2.20 11.57 -40.51
C ALA D 177 -1.56 12.75 -41.23
N ILE D 178 -1.84 12.88 -42.52
CA ILE D 178 -1.27 14.00 -43.28
C ILE D 178 -1.92 15.31 -42.81
N GLU D 179 -3.22 15.26 -42.50
CA GLU D 179 -3.91 16.44 -42.01
C GLU D 179 -3.37 16.88 -40.66
N GLU D 180 -3.06 15.92 -39.78
CA GLU D 180 -2.53 16.23 -38.46
C GLU D 180 -1.26 17.04 -38.61
N ALA D 181 -0.40 16.60 -39.53
CA ALA D 181 0.87 17.26 -39.80
C ALA D 181 0.66 18.68 -40.32
N LYS D 182 -0.36 18.87 -41.14
CA LYS D 182 -0.66 20.19 -41.72
C LYS D 182 -1.19 21.20 -40.70
N HIS D 183 -1.82 20.73 -39.63
CA HIS D 183 -2.37 21.67 -38.67
C HIS D 183 -1.89 21.58 -37.23
N CYS D 184 -0.78 20.91 -36.98
CA CYS D 184 -0.27 20.81 -35.61
C CYS D 184 0.74 21.91 -35.33
N ASP D 185 0.81 22.35 -34.07
CA ASP D 185 1.76 23.38 -33.69
C ASP D 185 3.12 22.76 -33.34
N ALA D 186 3.12 21.47 -33.00
CA ALA D 186 4.35 20.76 -32.68
C ALA D 186 4.28 19.31 -33.17
N PHE D 187 5.40 18.83 -33.70
CA PHE D 187 5.52 17.47 -34.24
C PHE D 187 6.73 16.78 -33.63
N MET D 188 6.49 15.69 -32.89
CA MET D 188 7.60 14.98 -32.27
C MET D 188 7.77 13.56 -32.78
N VAL D 189 8.93 13.30 -33.37
CA VAL D 189 9.27 11.99 -33.89
C VAL D 189 9.96 11.22 -32.77
N VAL D 190 9.54 9.97 -32.55
CA VAL D 190 10.13 9.13 -31.51
C VAL D 190 10.40 7.72 -32.04
N GLY D 191 11.68 7.35 -32.08
CA GLY D 191 12.05 6.03 -32.54
C GLY D 191 11.75 5.67 -33.99
N SER D 192 12.07 6.56 -34.91
CA SER D 192 11.85 6.29 -36.33
C SER D 192 13.03 6.73 -37.18
N SER D 193 13.38 5.93 -38.19
CA SER D 193 14.48 6.23 -39.12
C SER D 193 14.11 7.31 -40.12
N LEU D 194 12.82 7.51 -40.36
CA LEU D 194 12.35 8.50 -41.32
C LEU D 194 13.00 8.30 -42.71
N VAL D 195 13.08 7.06 -43.18
CA VAL D 195 13.68 6.80 -44.49
C VAL D 195 12.67 6.36 -45.55
N VAL D 196 11.54 5.84 -45.12
CA VAL D 196 10.52 5.39 -46.05
C VAL D 196 9.19 6.10 -45.88
N TYR D 197 8.53 6.40 -46.99
CA TYR D 197 7.22 7.06 -46.94
C TYR D 197 6.22 6.13 -46.25
N PRO D 198 5.30 6.68 -45.47
CA PRO D 198 5.08 8.11 -45.17
C PRO D 198 5.97 8.73 -44.08
N ALA D 199 6.59 7.90 -43.24
CA ALA D 199 7.45 8.40 -42.16
C ALA D 199 8.47 9.46 -42.59
N ALA D 200 9.12 9.23 -43.72
CA ALA D 200 10.11 10.18 -44.22
C ALA D 200 9.54 11.52 -44.68
N GLU D 201 8.26 11.56 -45.02
CA GLU D 201 7.68 12.82 -45.48
C GLU D 201 6.89 13.63 -44.45
N LEU D 202 6.12 12.95 -43.61
CA LEU D 202 5.30 13.64 -42.62
C LEU D 202 6.03 14.78 -41.90
N PRO D 203 7.28 14.56 -41.46
CA PRO D 203 8.04 15.60 -40.76
C PRO D 203 8.19 16.86 -41.62
N TYR D 204 8.40 16.66 -42.92
CA TYR D 204 8.54 17.78 -43.84
C TYR D 204 7.23 18.53 -44.05
N ILE D 205 6.12 17.79 -43.97
CA ILE D 205 4.81 18.41 -44.14
C ILE D 205 4.51 19.27 -42.91
N ALA D 206 4.97 18.81 -41.75
CA ALA D 206 4.74 19.56 -40.52
C ALA D 206 5.64 20.80 -40.51
N LYS D 207 6.87 20.61 -40.96
CA LYS D 207 7.84 21.71 -41.03
C LYS D 207 7.29 22.85 -41.88
N LYS D 208 6.96 22.53 -43.13
CA LYS D 208 6.43 23.51 -44.07
C LYS D 208 5.19 24.22 -43.50
N ALA D 209 4.45 23.51 -42.65
CA ALA D 209 3.23 24.08 -42.05
C ALA D 209 3.51 25.03 -40.86
N GLY D 210 4.78 25.13 -40.47
CA GLY D 210 5.15 26.03 -39.39
C GLY D 210 5.20 25.50 -37.98
N ALA D 211 5.22 24.18 -37.81
CA ALA D 211 5.27 23.59 -36.48
C ALA D 211 6.67 23.46 -35.91
N LYS D 212 6.77 23.44 -34.58
CA LYS D 212 8.06 23.28 -33.90
C LYS D 212 8.35 21.79 -34.05
N MET D 213 9.60 21.44 -34.36
CA MET D 213 9.95 20.04 -34.58
C MET D 213 10.93 19.46 -33.55
N ILE D 214 10.59 18.29 -33.02
CA ILE D 214 11.40 17.59 -32.03
C ILE D 214 11.64 16.14 -32.46
N ILE D 215 12.86 15.65 -32.29
CA ILE D 215 13.15 14.26 -32.63
C ILE D 215 13.96 13.58 -31.51
N VAL D 216 13.53 12.37 -31.16
CA VAL D 216 14.18 11.55 -30.13
C VAL D 216 14.47 10.22 -30.78
N ASN D 217 15.75 9.93 -30.99
CA ASN D 217 16.15 8.68 -31.62
C ASN D 217 17.46 8.17 -31.05
N ALA D 218 17.73 6.88 -31.27
CA ALA D 218 18.96 6.27 -30.79
C ALA D 218 20.13 6.70 -31.66
N GLU D 219 19.83 7.14 -32.88
CA GLU D 219 20.85 7.59 -33.81
C GLU D 219 20.30 8.64 -34.76
N PRO D 220 21.19 9.39 -35.43
CA PRO D 220 20.77 10.43 -36.38
C PRO D 220 20.05 9.91 -37.61
N THR D 221 19.43 10.85 -38.33
CA THR D 221 18.69 10.55 -39.55
C THR D 221 18.94 11.69 -40.52
N MET D 222 18.75 11.44 -41.81
CA MET D 222 18.97 12.46 -42.82
C MET D 222 17.97 13.59 -42.69
N ALA D 223 16.95 13.38 -41.87
CA ALA D 223 15.93 14.39 -41.67
C ALA D 223 16.24 15.32 -40.49
N ASP D 224 17.24 14.93 -39.69
CA ASP D 224 17.63 15.71 -38.52
C ASP D 224 17.74 17.22 -38.67
N PRO D 225 18.25 17.70 -39.82
CA PRO D 225 18.40 19.14 -40.07
C PRO D 225 17.19 20.05 -39.84
N ILE D 226 15.99 19.57 -40.19
CA ILE D 226 14.78 20.39 -40.04
C ILE D 226 14.27 20.51 -38.60
N PHE D 227 14.82 19.69 -37.71
CA PHE D 227 14.40 19.68 -36.31
C PHE D 227 15.01 20.75 -35.40
N ASP D 228 14.15 21.37 -34.61
CA ASP D 228 14.53 22.40 -33.66
C ASP D 228 15.30 21.80 -32.50
N VAL D 229 14.89 20.60 -32.10
CA VAL D 229 15.51 19.91 -30.98
C VAL D 229 15.82 18.46 -31.38
N LYS D 230 17.09 18.08 -31.27
CA LYS D 230 17.54 16.74 -31.61
C LYS D 230 18.08 16.04 -30.37
N ILE D 231 17.44 14.95 -29.98
CA ILE D 231 17.89 14.22 -28.81
C ILE D 231 18.31 12.79 -29.16
N ILE D 232 19.50 12.40 -28.70
CA ILE D 232 20.00 11.07 -28.94
C ILE D 232 19.93 10.27 -27.64
N GLY D 233 19.30 9.10 -27.69
CA GLY D 233 19.16 8.27 -26.51
C GLY D 233 18.01 7.32 -26.68
N LYS D 234 17.68 6.56 -25.63
CA LYS D 234 16.57 5.62 -25.69
C LYS D 234 15.24 6.30 -25.31
N ALA D 235 14.19 6.01 -26.07
CA ALA D 235 12.87 6.60 -25.85
C ALA D 235 12.30 6.30 -24.47
N GLY D 236 12.44 5.06 -24.02
CA GLY D 236 11.92 4.67 -22.73
C GLY D 236 12.58 5.41 -21.57
N GLU D 237 13.71 6.05 -21.83
CA GLU D 237 14.42 6.78 -20.79
C GLU D 237 14.27 8.29 -20.99
N VAL D 238 14.28 8.73 -22.25
CA VAL D 238 14.17 10.16 -22.56
C VAL D 238 12.77 10.74 -22.36
N LEU D 239 11.76 10.07 -22.91
CA LEU D 239 10.40 10.58 -22.83
C LEU D 239 9.89 10.85 -21.42
N PRO D 240 10.07 9.91 -20.50
CA PRO D 240 9.57 10.19 -19.15
C PRO D 240 10.20 11.43 -18.53
N LYS D 241 11.43 11.75 -18.93
CA LYS D 241 12.11 12.93 -18.41
C LYS D 241 11.57 14.22 -19.03
N ILE D 242 11.10 14.14 -20.26
CA ILE D 242 10.55 15.32 -20.90
C ILE D 242 9.23 15.61 -20.22
N VAL D 243 8.44 14.57 -19.99
CA VAL D 243 7.15 14.70 -19.32
C VAL D 243 7.35 15.32 -17.94
N GLU D 244 8.37 14.86 -17.24
CA GLU D 244 8.67 15.37 -15.90
C GLU D 244 8.91 16.86 -15.98
N GLU D 245 9.82 17.26 -16.86
CA GLU D 245 10.17 18.67 -17.05
C GLU D 245 9.02 19.51 -17.59
N VAL D 246 8.03 18.87 -18.21
CA VAL D 246 6.88 19.59 -18.74
C VAL D 246 5.93 19.89 -17.59
N LYS D 247 5.91 19.02 -16.59
CA LYS D 247 5.06 19.19 -15.42
C LYS D 247 5.68 20.23 -14.51
N ARG D 248 7.00 20.18 -14.39
CA ARG D 248 7.77 21.10 -13.56
C ARG D 248 7.59 22.54 -14.01
N LEU D 249 7.13 22.72 -15.25
CA LEU D 249 6.92 24.04 -15.81
C LEU D 249 5.47 24.48 -15.63
N ARG D 250 4.56 23.53 -15.56
CA ARG D 250 3.15 23.84 -15.40
C ARG D 250 2.76 24.12 -13.94
N SER D 251 3.58 23.64 -13.01
CA SER D 251 3.32 23.89 -11.60
C SER D 251 3.85 25.29 -11.29
N GLU D 252 4.79 25.72 -12.11
CA GLU D 252 5.43 27.02 -11.99
C GLU D 252 4.57 28.10 -12.64
N MET E 1 -14.06 61.04 7.63
CA MET E 1 -14.80 59.99 6.88
C MET E 1 -14.91 60.35 5.39
N GLU E 2 -15.41 61.54 5.10
CA GLU E 2 -15.56 61.97 3.70
C GLU E 2 -14.24 61.94 2.93
N ASP E 3 -13.33 62.84 3.29
CA ASP E 3 -12.01 62.91 2.65
C ASP E 3 -11.32 61.56 2.60
N GLU E 4 -11.28 60.87 3.74
CA GLU E 4 -10.63 59.57 3.84
C GLU E 4 -11.17 58.54 2.85
N ILE E 5 -12.48 58.34 2.86
CA ILE E 5 -13.12 57.38 1.95
C ILE E 5 -12.89 57.70 0.48
N ARG E 6 -12.86 58.99 0.16
CA ARG E 6 -12.64 59.41 -1.22
C ARG E 6 -11.27 58.91 -1.70
N LYS E 7 -10.23 59.24 -0.94
CA LYS E 7 -8.87 58.83 -1.26
C LYS E 7 -8.77 57.33 -1.42
N ALA E 8 -9.35 56.60 -0.46
CA ALA E 8 -9.34 55.14 -0.49
C ALA E 8 -10.12 54.66 -1.71
N ALA E 9 -11.19 55.38 -2.03
CA ALA E 9 -12.03 55.04 -3.17
C ALA E 9 -11.26 55.22 -4.47
N GLU E 10 -10.44 56.28 -4.51
CA GLU E 10 -9.64 56.57 -5.68
C GLU E 10 -8.46 55.61 -5.85
N ILE E 11 -7.97 55.05 -4.75
CA ILE E 11 -6.84 54.11 -4.84
C ILE E 11 -7.29 52.77 -5.41
N LEU E 12 -8.30 52.19 -4.78
CA LEU E 12 -8.83 50.91 -5.24
C LEU E 12 -9.36 51.05 -6.65
N ALA E 13 -9.74 52.27 -7.02
CA ALA E 13 -10.27 52.54 -8.35
C ALA E 13 -9.17 52.33 -9.38
N LYS E 14 -7.95 52.75 -9.03
CA LYS E 14 -6.81 52.62 -9.92
C LYS E 14 -5.97 51.37 -9.64
N SER E 15 -6.55 50.41 -8.93
CA SER E 15 -5.86 49.16 -8.59
C SER E 15 -6.17 48.03 -9.57
N LYS E 16 -5.20 47.15 -9.78
CA LYS E 16 -5.36 46.02 -10.68
C LYS E 16 -5.29 44.70 -9.93
N HIS E 17 -4.40 44.64 -8.94
CA HIS E 17 -4.24 43.43 -8.14
C HIS E 17 -4.25 43.80 -6.65
N ALA E 18 -5.44 44.14 -6.16
CA ALA E 18 -5.62 44.53 -4.76
C ALA E 18 -5.89 43.34 -3.83
N VAL E 19 -5.40 43.45 -2.60
CA VAL E 19 -5.58 42.40 -1.61
C VAL E 19 -6.19 42.97 -0.33
N VAL E 20 -7.10 42.20 0.28
CA VAL E 20 -7.77 42.60 1.51
C VAL E 20 -7.35 41.66 2.64
N PHE E 21 -6.87 42.24 3.72
CA PHE E 21 -6.42 41.51 4.90
C PHE E 21 -7.43 41.84 6.00
N THR E 22 -8.19 40.85 6.45
CA THR E 22 -9.22 41.11 7.45
C THR E 22 -9.01 40.48 8.82
N GLY E 23 -9.55 41.16 9.83
CA GLY E 23 -9.47 40.69 11.20
C GLY E 23 -10.89 40.48 11.71
N ALA E 24 -11.01 40.07 12.96
CA ALA E 24 -12.31 39.80 13.56
C ALA E 24 -13.29 40.97 13.47
N GLY E 25 -12.77 42.19 13.33
CA GLY E 25 -13.61 43.37 13.24
C GLY E 25 -14.55 43.45 12.06
N ILE E 26 -14.21 42.75 10.97
CA ILE E 26 -15.04 42.79 9.78
C ILE E 26 -16.30 41.94 9.94
N SER E 27 -16.36 41.19 11.04
CA SER E 27 -17.53 40.34 11.28
C SER E 27 -18.23 40.76 12.56
N ALA E 28 -17.74 41.82 13.19
CA ALA E 28 -18.35 42.31 14.42
C ALA E 28 -19.80 42.74 14.18
N GLU E 29 -20.10 43.11 12.94
CA GLU E 29 -21.45 43.52 12.57
C GLU E 29 -22.33 42.35 12.16
N SER E 30 -21.77 41.14 12.22
CA SER E 30 -22.54 39.96 11.88
C SER E 30 -22.93 39.27 13.18
N GLY E 31 -22.65 39.95 14.29
CA GLY E 31 -22.98 39.42 15.59
C GLY E 31 -21.81 38.83 16.36
N ILE E 32 -20.79 38.37 15.63
CA ILE E 32 -19.60 37.77 16.22
C ILE E 32 -18.73 38.82 16.90
N PRO E 33 -18.32 38.57 18.16
CA PRO E 33 -17.48 39.51 18.90
C PRO E 33 -16.01 39.51 18.50
N THR E 34 -15.33 40.62 18.75
CA THR E 34 -13.92 40.74 18.44
C THR E 34 -13.11 40.18 19.60
N PHE E 35 -11.80 40.07 19.44
CA PHE E 35 -10.93 39.53 20.48
C PHE E 35 -10.33 40.59 21.40
N ARG E 36 -9.83 41.67 20.80
CA ARG E 36 -9.20 42.73 21.57
C ARG E 36 -9.89 44.08 21.40
N GLY E 37 -10.95 44.10 20.59
CA GLY E 37 -11.67 45.34 20.38
C GLY E 37 -12.57 45.67 21.55
N GLU E 38 -13.68 46.33 21.24
CA GLU E 38 -14.65 46.71 22.26
C GLU E 38 -15.30 45.44 22.78
N ASP E 39 -15.36 45.32 24.10
CA ASP E 39 -15.95 44.13 24.73
C ASP E 39 -15.25 42.89 24.17
N GLY E 40 -13.94 43.00 23.99
CA GLY E 40 -13.14 41.90 23.47
C GLY E 40 -13.25 40.63 24.29
N LEU E 41 -13.17 39.50 23.62
CA LEU E 41 -13.25 38.20 24.27
C LEU E 41 -12.03 37.97 25.16
N TRP E 42 -10.88 38.45 24.71
CA TRP E 42 -9.64 38.28 25.48
C TRP E 42 -9.64 39.14 26.73
N ARG E 43 -10.84 39.49 27.19
CA ARG E 43 -11.02 40.27 28.40
C ARG E 43 -11.85 39.40 29.32
N LYS E 44 -12.82 38.69 28.73
CA LYS E 44 -13.71 37.81 29.47
C LYS E 44 -13.10 36.41 29.60
N TYR E 45 -12.28 36.03 28.63
CA TYR E 45 -11.64 34.72 28.64
C TYR E 45 -10.13 34.84 28.61
N ASP E 46 -9.45 33.87 29.21
CA ASP E 46 -8.00 33.86 29.23
C ASP E 46 -7.49 33.07 28.02
N PRO E 47 -6.93 33.78 27.03
CA PRO E 47 -6.40 33.14 25.81
C PRO E 47 -5.38 32.03 26.06
N GLU E 48 -4.58 32.17 27.11
CA GLU E 48 -3.56 31.18 27.42
C GLU E 48 -4.15 29.83 27.87
N GLU E 49 -5.43 29.84 28.25
CA GLU E 49 -6.09 28.63 28.70
C GLU E 49 -7.11 28.11 27.68
N VAL E 50 -7.81 29.03 27.01
CA VAL E 50 -8.80 28.63 26.03
C VAL E 50 -8.37 28.74 24.57
N ALA E 51 -7.26 29.42 24.29
CA ALA E 51 -6.82 29.57 22.91
C ALA E 51 -5.33 29.29 22.67
N SER E 52 -4.75 28.40 23.46
CA SER E 52 -3.34 28.06 23.31
C SER E 52 -3.12 26.55 23.26
N ILE E 53 -2.12 26.11 22.52
CA ILE E 53 -1.84 24.69 22.42
C ILE E 53 -1.44 24.12 23.77
N SER E 54 -0.69 24.89 24.56
CA SER E 54 -0.27 24.41 25.87
C SER E 54 -1.52 24.25 26.75
N GLY E 55 -2.47 25.17 26.58
CA GLY E 55 -3.71 25.11 27.35
C GLY E 55 -4.60 23.97 26.89
N PHE E 56 -4.48 23.60 25.63
CA PHE E 56 -5.28 22.51 25.07
C PHE E 56 -4.77 21.16 25.57
N LYS E 57 -3.45 20.99 25.56
CA LYS E 57 -2.84 19.75 26.03
C LYS E 57 -3.08 19.61 27.54
N ARG E 58 -3.07 20.75 28.22
CA ARG E 58 -3.30 20.77 29.67
C ARG E 58 -4.71 20.27 29.93
N ASN E 59 -5.70 21.02 29.46
CA ASN E 59 -7.11 20.67 29.63
C ASN E 59 -7.89 21.00 28.34
N PRO E 60 -8.18 19.97 27.53
CA PRO E 60 -8.91 20.15 26.27
C PRO E 60 -10.35 20.66 26.42
N ARG E 61 -10.94 20.47 27.59
CA ARG E 61 -12.31 20.91 27.83
C ARG E 61 -12.49 22.43 27.88
N ALA E 62 -11.40 23.17 28.06
CA ALA E 62 -11.48 24.62 28.11
C ALA E 62 -11.73 25.17 26.71
N PHE E 63 -10.88 24.77 25.76
CA PHE E 63 -11.02 25.20 24.38
C PHE E 63 -12.41 24.87 23.84
N TRP E 64 -12.78 23.61 23.93
CA TRP E 64 -14.07 23.14 23.44
C TRP E 64 -15.31 23.78 24.05
N GLU E 65 -15.31 23.99 25.36
CA GLU E 65 -16.46 24.62 26.00
C GLU E 65 -16.53 26.10 25.66
N PHE E 66 -15.36 26.70 25.43
CA PHE E 66 -15.31 28.11 25.05
C PHE E 66 -15.90 28.21 23.65
N SER E 67 -15.55 27.26 22.80
CA SER E 67 -16.04 27.22 21.42
C SER E 67 -17.56 26.97 21.39
N MET E 68 -18.06 26.27 22.40
CA MET E 68 -19.48 25.99 22.49
C MET E 68 -20.22 27.26 22.90
N GLU E 69 -19.56 28.12 23.67
CA GLU E 69 -20.15 29.38 24.10
C GLU E 69 -20.38 30.23 22.85
N MET E 70 -19.37 30.25 21.98
CA MET E 70 -19.41 31.00 20.73
C MET E 70 -20.26 30.30 19.68
N LYS E 71 -20.99 29.27 20.08
CA LYS E 71 -21.81 28.50 19.14
C LYS E 71 -22.80 29.37 18.35
N ASP E 72 -22.74 30.68 18.57
CA ASP E 72 -23.62 31.59 17.84
C ASP E 72 -22.87 32.30 16.71
N LYS E 73 -22.27 31.49 15.84
CA LYS E 73 -21.56 31.94 14.66
C LYS E 73 -22.20 31.09 13.57
N LEU E 74 -22.87 30.03 14.02
CA LEU E 74 -23.58 29.11 13.13
C LEU E 74 -24.93 29.79 12.91
N PHE E 75 -25.09 30.91 13.61
CA PHE E 75 -26.28 31.73 13.54
C PHE E 75 -25.81 33.10 13.06
N ALA E 76 -24.82 33.09 12.18
CA ALA E 76 -24.24 34.32 11.62
C ALA E 76 -24.16 34.28 10.10
N GLU E 77 -24.51 35.41 9.47
CA GLU E 77 -24.47 35.51 8.01
C GLU E 77 -23.62 36.72 7.62
N PRO E 78 -23.08 36.72 6.39
CA PRO E 78 -22.25 37.84 5.92
C PRO E 78 -22.98 39.17 6.07
N ASN E 79 -22.24 40.25 6.29
CA ASN E 79 -22.83 41.58 6.42
C ASN E 79 -22.33 42.43 5.25
N PRO E 80 -22.89 43.65 5.08
CA PRO E 80 -22.47 44.53 3.98
C PRO E 80 -20.98 44.63 3.71
N ALA E 81 -20.16 44.53 4.76
CA ALA E 81 -18.71 44.60 4.59
C ALA E 81 -18.18 43.40 3.81
N HIS E 82 -18.71 42.21 4.09
CA HIS E 82 -18.30 40.98 3.40
C HIS E 82 -18.65 41.01 1.93
N TYR E 83 -19.86 41.47 1.63
CA TYR E 83 -20.33 41.55 0.25
C TYR E 83 -19.54 42.61 -0.51
N ALA E 84 -19.27 43.73 0.16
CA ALA E 84 -18.50 44.79 -0.45
C ALA E 84 -17.18 44.22 -1.00
N ILE E 85 -16.56 43.34 -0.22
CA ILE E 85 -15.29 42.71 -0.61
C ILE E 85 -15.48 41.73 -1.77
N ALA E 86 -16.64 41.05 -1.77
CA ALA E 86 -16.95 40.08 -2.82
C ALA E 86 -17.31 40.79 -4.13
N GLU E 87 -18.06 41.88 -4.02
CA GLU E 87 -18.47 42.66 -5.18
C GLU E 87 -17.22 43.33 -5.75
N LEU E 88 -16.37 43.80 -4.86
CA LEU E 88 -15.13 44.47 -5.22
C LEU E 88 -14.21 43.47 -5.94
N GLU E 89 -14.51 42.18 -5.75
CA GLU E 89 -13.75 41.13 -6.38
C GLU E 89 -14.28 40.86 -7.78
N ARG E 90 -15.60 40.78 -7.91
CA ARG E 90 -16.24 40.54 -9.21
C ARG E 90 -15.96 41.72 -10.14
N MET E 91 -15.71 42.88 -9.53
CA MET E 91 -15.40 44.09 -10.28
C MET E 91 -13.99 44.05 -10.84
N GLY E 92 -13.28 42.95 -10.58
CA GLY E 92 -11.92 42.79 -11.06
C GLY E 92 -10.83 43.48 -10.26
N ILE E 93 -11.23 44.27 -9.26
CA ILE E 93 -10.27 44.98 -8.42
C ILE E 93 -9.56 44.06 -7.44
N VAL E 94 -10.26 43.65 -6.38
CA VAL E 94 -9.68 42.76 -5.39
C VAL E 94 -9.40 41.40 -6.04
N LYS E 95 -8.19 40.88 -5.84
CA LYS E 95 -7.79 39.60 -6.40
C LYS E 95 -7.74 38.47 -5.37
N ALA E 96 -7.43 38.82 -4.13
CA ALA E 96 -7.35 37.81 -3.07
C ALA E 96 -7.66 38.38 -1.69
N VAL E 97 -8.29 37.55 -0.87
CA VAL E 97 -8.64 37.93 0.50
C VAL E 97 -7.89 37.06 1.50
N ILE E 98 -7.11 37.70 2.36
CA ILE E 98 -6.35 37.00 3.39
C ILE E 98 -7.08 37.33 4.69
N THR E 99 -7.55 36.31 5.38
CA THR E 99 -8.28 36.50 6.64
C THR E 99 -7.70 35.70 7.80
N GLN E 100 -7.86 36.25 9.01
CA GLN E 100 -7.39 35.62 10.24
C GLN E 100 -8.58 34.98 10.96
N ASN E 101 -9.78 35.26 10.45
CA ASN E 101 -11.02 34.74 11.02
C ASN E 101 -11.25 33.32 10.55
N ILE E 102 -12.08 32.60 11.31
CA ILE E 102 -12.42 31.23 10.96
C ILE E 102 -13.93 31.13 10.73
N ASP E 103 -14.62 32.27 10.79
CA ASP E 103 -16.07 32.33 10.59
C ASP E 103 -16.53 31.99 9.18
N MET E 104 -15.59 31.88 8.27
CA MET E 104 -15.89 31.57 6.87
C MET E 104 -16.96 32.45 6.25
N LEU E 105 -17.17 33.63 6.81
CA LEU E 105 -18.17 34.57 6.28
C LEU E 105 -17.72 35.20 4.96
N HIS E 106 -16.46 35.00 4.58
CA HIS E 106 -15.99 35.55 3.32
C HIS E 106 -16.46 34.67 2.16
N GLN E 107 -16.34 33.35 2.31
CA GLN E 107 -16.79 32.44 1.25
C GLN E 107 -18.30 32.54 1.11
N ARG E 108 -19.01 32.49 2.24
CA ARG E 108 -20.45 32.56 2.24
C ARG E 108 -20.96 33.86 1.61
N ALA E 109 -20.15 34.91 1.66
CA ALA E 109 -20.54 36.19 1.08
C ALA E 109 -20.31 36.21 -0.42
N GLY E 110 -19.56 35.23 -0.92
CA GLY E 110 -19.30 35.17 -2.35
C GLY E 110 -17.86 35.25 -2.84
N SER E 111 -16.91 35.47 -1.92
CA SER E 111 -15.49 35.57 -2.30
C SER E 111 -14.91 34.25 -2.77
N ARG E 112 -14.23 34.30 -3.93
CA ARG E 112 -13.62 33.12 -4.54
C ARG E 112 -12.25 32.76 -3.97
N ARG E 113 -11.38 33.76 -3.83
CA ARG E 113 -10.03 33.53 -3.30
C ARG E 113 -9.92 33.96 -1.85
N VAL E 114 -10.02 33.00 -0.95
CA VAL E 114 -9.94 33.26 0.49
C VAL E 114 -8.83 32.45 1.12
N LEU E 115 -7.90 33.14 1.78
CA LEU E 115 -6.79 32.49 2.46
C LEU E 115 -6.98 32.56 3.97
N GLU E 116 -7.28 31.42 4.58
CA GLU E 116 -7.50 31.35 6.02
C GLU E 116 -6.13 31.15 6.70
N LEU E 117 -5.47 32.27 6.95
CA LEU E 117 -4.15 32.29 7.55
C LEU E 117 -4.13 31.63 8.92
N HIS E 118 -5.28 31.58 9.58
CA HIS E 118 -5.37 30.96 10.89
C HIS E 118 -6.18 29.67 10.91
N GLY E 119 -6.38 29.07 9.72
CA GLY E 119 -7.12 27.82 9.61
C GLY E 119 -8.61 27.87 9.85
N SER E 120 -9.20 26.71 10.15
CA SER E 120 -10.64 26.61 10.40
C SER E 120 -11.03 25.32 11.12
N MET E 121 -12.26 25.27 11.59
CA MET E 121 -12.80 24.09 12.29
C MET E 121 -13.15 23.04 11.24
N ASP E 122 -13.00 23.42 9.97
CA ASP E 122 -13.29 22.56 8.84
C ASP E 122 -12.79 21.12 9.01
N LYS E 123 -11.59 20.97 9.57
CA LYS E 123 -11.00 19.65 9.78
C LYS E 123 -10.31 19.55 11.12
N LEU E 124 -10.16 18.32 11.62
CA LEU E 124 -9.52 18.10 12.91
C LEU E 124 -8.62 16.88 12.90
N ASP E 125 -7.67 16.85 13.82
CA ASP E 125 -6.73 15.75 13.96
C ASP E 125 -6.68 15.36 15.42
N CYS E 126 -6.55 14.06 15.69
CA CYS E 126 -6.42 13.57 17.06
C CYS E 126 -4.93 13.64 17.38
N LEU E 127 -4.58 14.32 18.46
CA LEU E 127 -3.17 14.46 18.84
C LEU E 127 -2.54 13.13 19.24
N ASP E 128 -3.36 12.19 19.69
CA ASP E 128 -2.86 10.89 20.12
C ASP E 128 -2.62 9.86 19.00
N CYS E 129 -3.65 9.55 18.21
CA CYS E 129 -3.47 8.56 17.16
C CYS E 129 -3.31 9.12 15.75
N HIS E 130 -3.38 10.44 15.63
CA HIS E 130 -3.21 11.11 14.34
C HIS E 130 -4.37 10.95 13.37
N GLU E 131 -5.49 10.41 13.82
CA GLU E 131 -6.65 10.24 12.93
C GLU E 131 -7.20 11.60 12.48
N THR E 132 -7.64 11.68 11.23
CA THR E 132 -8.18 12.93 10.70
C THR E 132 -9.72 12.93 10.67
N TYR E 133 -10.32 14.11 10.71
CA TYR E 133 -11.78 14.24 10.70
C TYR E 133 -12.28 15.49 9.99
N ASP E 134 -13.57 15.46 9.64
CA ASP E 134 -14.25 16.59 9.02
C ASP E 134 -15.16 17.08 10.16
N TRP E 135 -15.44 18.38 10.20
CA TRP E 135 -16.27 18.91 11.27
C TRP E 135 -17.64 18.26 11.29
N SER E 136 -18.11 17.82 10.13
CA SER E 136 -19.42 17.18 10.05
C SER E 136 -19.51 15.98 10.98
N GLU E 137 -18.37 15.29 11.15
CA GLU E 137 -18.29 14.10 12.01
C GLU E 137 -18.47 14.35 13.50
N PHE E 138 -18.32 15.59 13.95
CA PHE E 138 -18.47 15.89 15.38
C PHE E 138 -19.55 16.93 15.64
N VAL E 139 -19.99 17.60 14.58
CA VAL E 139 -20.99 18.66 14.68
C VAL E 139 -22.24 18.37 15.53
N GLU E 140 -22.74 17.14 15.48
CA GLU E 140 -23.92 16.79 16.24
C GLU E 140 -23.62 16.59 17.72
N ASP E 141 -22.48 15.99 18.03
CA ASP E 141 -22.09 15.79 19.41
C ASP E 141 -21.78 17.15 20.04
N PHE E 142 -21.15 18.02 19.24
CA PHE E 142 -20.78 19.35 19.68
C PHE E 142 -22.00 20.21 20.04
N ASN E 143 -23.04 20.14 19.21
CA ASN E 143 -24.26 20.89 19.46
C ASN E 143 -25.04 20.34 20.65
N LYS E 144 -24.62 19.17 21.12
CA LYS E 144 -25.27 18.53 22.27
C LYS E 144 -24.42 18.78 23.53
N GLY E 145 -23.37 19.58 23.39
CA GLY E 145 -22.51 19.89 24.52
C GLY E 145 -21.45 18.86 24.87
N GLU E 146 -21.33 17.82 24.05
CA GLU E 146 -20.35 16.78 24.30
C GLU E 146 -19.05 17.06 23.54
N ILE E 147 -17.95 17.22 24.28
CA ILE E 147 -16.65 17.49 23.69
C ILE E 147 -16.21 16.34 22.80
N PRO E 148 -15.83 16.64 21.55
CA PRO E 148 -15.39 15.60 20.63
C PRO E 148 -14.31 14.67 21.21
N ARG E 149 -14.50 13.38 21.00
CA ARG E 149 -13.58 12.35 21.48
C ARG E 149 -13.22 11.52 20.26
N CYS E 150 -11.93 11.22 20.08
CA CYS E 150 -11.52 10.43 18.94
C CYS E 150 -12.29 9.11 18.95
N ARG E 151 -12.83 8.73 17.80
CA ARG E 151 -13.60 7.50 17.71
C ARG E 151 -12.73 6.30 17.38
N LYS E 152 -11.44 6.56 17.17
CA LYS E 152 -10.49 5.51 16.86
C LYS E 152 -9.71 5.05 18.09
N CYS E 153 -9.25 6.00 18.90
CA CYS E 153 -8.48 5.64 20.09
C CYS E 153 -9.10 6.13 21.41
N GLY E 154 -10.20 6.85 21.33
CA GLY E 154 -10.84 7.34 22.55
C GLY E 154 -10.20 8.54 23.21
N SER E 155 -9.22 9.14 22.53
CA SER E 155 -8.53 10.31 23.06
C SER E 155 -9.47 11.49 23.19
N TYR E 156 -9.12 12.42 24.07
CA TYR E 156 -9.91 13.61 24.29
C TYR E 156 -9.12 14.82 23.76
N TYR E 157 -8.10 14.54 22.95
CA TYR E 157 -7.28 15.59 22.38
C TYR E 157 -7.50 15.68 20.87
N VAL E 158 -8.73 15.95 20.48
CA VAL E 158 -9.06 16.09 19.08
C VAL E 158 -8.96 17.58 18.79
N LYS E 159 -7.92 17.96 18.05
CA LYS E 159 -7.71 19.37 17.76
C LYS E 159 -8.12 19.85 16.38
N PRO E 160 -8.95 20.89 16.33
CA PRO E 160 -9.37 21.41 15.03
C PRO E 160 -8.17 22.14 14.41
N ARG E 161 -8.09 22.16 13.10
CA ARG E 161 -6.99 22.81 12.42
C ARG E 161 -7.00 24.35 12.47
N VAL E 162 -7.28 24.93 13.64
CA VAL E 162 -7.27 26.39 13.77
C VAL E 162 -6.00 26.71 14.53
N VAL E 163 -5.30 27.77 14.12
CA VAL E 163 -4.05 28.17 14.76
C VAL E 163 -4.26 28.76 16.16
N LEU E 164 -3.74 28.08 17.17
CA LEU E 164 -3.82 28.57 18.54
C LEU E 164 -2.47 29.18 18.89
N PHE E 165 -2.39 29.89 20.00
CA PHE E 165 -1.12 30.47 20.43
C PHE E 165 -0.12 29.34 20.66
N GLY E 166 1.14 29.57 20.28
CA GLY E 166 2.15 28.55 20.44
C GLY E 166 2.24 27.60 19.26
N GLU E 167 1.45 27.87 18.22
CA GLU E 167 1.45 27.02 17.03
C GLU E 167 1.80 27.76 15.73
N PRO E 168 2.47 27.06 14.81
CA PRO E 168 2.82 27.67 13.53
C PRO E 168 1.60 27.74 12.63
N LEU E 169 1.57 28.74 11.75
CA LEU E 169 0.46 28.91 10.83
C LEU E 169 0.61 27.87 9.72
N PRO E 170 -0.50 27.53 9.03
CA PRO E 170 -0.43 26.55 7.95
C PRO E 170 0.53 27.03 6.85
N GLN E 171 1.57 26.23 6.59
CA GLN E 171 2.62 26.57 5.62
C GLN E 171 2.17 26.97 4.22
N ARG E 172 1.33 26.15 3.61
CA ARG E 172 0.82 26.44 2.26
C ARG E 172 0.17 27.82 2.23
N THR E 173 -0.78 28.05 3.13
CA THR E 173 -1.51 29.31 3.21
C THR E 173 -0.57 30.49 3.45
N LEU E 174 0.32 30.38 4.44
CA LEU E 174 1.25 31.46 4.74
C LEU E 174 2.09 31.81 3.52
N PHE E 175 2.44 30.80 2.73
CA PHE E 175 3.25 31.02 1.53
C PHE E 175 2.48 31.80 0.49
N GLU E 176 1.25 31.38 0.23
CA GLU E 176 0.38 32.04 -0.75
C GLU E 176 0.07 33.48 -0.36
N ALA E 177 -0.19 33.70 0.92
CA ALA E 177 -0.51 35.04 1.42
C ALA E 177 0.66 36.00 1.19
N ILE E 178 1.86 35.57 1.57
CA ILE E 178 3.05 36.38 1.39
C ILE E 178 3.25 36.71 -0.09
N GLU E 179 3.01 35.74 -0.95
CA GLU E 179 3.14 35.94 -2.39
C GLU E 179 2.15 36.99 -2.89
N GLU E 180 0.99 37.06 -2.23
CA GLU E 180 -0.03 38.02 -2.62
C GLU E 180 0.29 39.42 -2.11
N ALA E 181 0.88 39.49 -0.91
CA ALA E 181 1.22 40.77 -0.30
C ALA E 181 2.42 41.40 -1.01
N LYS E 182 3.07 40.60 -1.87
CA LYS E 182 4.23 41.09 -2.61
C LYS E 182 3.78 41.54 -3.99
N HIS E 183 3.06 40.65 -4.68
CA HIS E 183 2.57 40.91 -6.03
C HIS E 183 1.30 41.75 -6.08
N CYS E 184 1.06 42.58 -5.07
CA CYS E 184 -0.13 43.42 -5.04
C CYS E 184 0.24 44.90 -5.15
N ASP E 185 -0.68 45.70 -5.67
CA ASP E 185 -0.45 47.14 -5.83
C ASP E 185 -1.21 47.95 -4.78
N ALA E 186 -2.17 47.30 -4.12
CA ALA E 186 -2.95 47.93 -3.07
C ALA E 186 -3.25 46.87 -2.01
N PHE E 187 -3.04 47.23 -0.75
CA PHE E 187 -3.26 46.32 0.36
C PHE E 187 -4.15 47.03 1.38
N MET E 188 -5.36 46.51 1.59
CA MET E 188 -6.26 47.12 2.55
C MET E 188 -6.62 46.20 3.72
N VAL E 189 -6.36 46.69 4.92
CA VAL E 189 -6.63 45.95 6.15
C VAL E 189 -8.00 46.36 6.67
N VAL E 190 -8.79 45.38 7.10
CA VAL E 190 -10.13 45.68 7.63
C VAL E 190 -10.42 44.99 8.96
N GLY E 191 -10.78 45.79 9.95
CA GLY E 191 -11.11 45.28 11.27
C GLY E 191 -10.07 44.39 11.94
N SER E 192 -8.84 44.89 12.06
CA SER E 192 -7.77 44.13 12.70
C SER E 192 -6.88 45.04 13.54
N SER E 193 -6.51 44.59 14.73
CA SER E 193 -5.65 45.37 15.61
C SER E 193 -4.18 45.26 15.19
N LEU E 194 -3.85 44.22 14.42
CA LEU E 194 -2.49 43.99 13.94
C LEU E 194 -1.47 43.84 15.07
N VAL E 195 -1.85 43.10 16.10
CA VAL E 195 -0.96 42.87 17.24
C VAL E 195 -0.31 41.50 17.11
N VAL E 196 -1.08 40.51 16.65
CA VAL E 196 -0.58 39.15 16.51
C VAL E 196 0.26 38.91 15.26
N TYR E 197 1.45 38.36 15.50
CA TYR E 197 2.40 38.04 14.44
C TYR E 197 2.43 36.52 14.29
N PRO E 198 2.92 36.01 13.15
CA PRO E 198 3.45 36.75 11.99
C PRO E 198 2.41 37.33 11.02
N ALA E 199 1.12 37.18 11.32
CA ALA E 199 0.09 37.70 10.43
C ALA E 199 0.21 39.22 10.24
N ALA E 200 0.55 39.94 11.31
CA ALA E 200 0.68 41.39 11.25
C ALA E 200 1.85 41.84 10.39
N GLU E 201 2.68 40.88 9.99
CA GLU E 201 3.84 41.16 9.17
C GLU E 201 3.47 41.35 7.69
N LEU E 202 2.35 40.78 7.26
CA LEU E 202 1.90 40.90 5.87
C LEU E 202 1.71 42.35 5.40
N PRO E 203 1.11 43.21 6.24
CA PRO E 203 0.90 44.60 5.82
C PRO E 203 2.23 45.28 5.48
N TYR E 204 3.26 45.01 6.28
CA TYR E 204 4.58 45.59 6.05
C TYR E 204 5.25 44.98 4.84
N ILE E 205 4.96 43.72 4.56
CA ILE E 205 5.54 43.05 3.41
C ILE E 205 5.00 43.67 2.12
N ALA E 206 3.85 44.33 2.25
CA ALA E 206 3.24 44.99 1.10
C ALA E 206 3.69 46.45 1.06
N LYS E 207 3.87 47.04 2.23
CA LYS E 207 4.31 48.43 2.33
C LYS E 207 5.73 48.53 1.75
N LYS E 208 6.55 47.51 2.00
CA LYS E 208 7.92 47.47 1.53
C LYS E 208 8.02 47.09 0.05
N ALA E 209 7.14 46.20 -0.40
CA ALA E 209 7.18 45.79 -1.81
C ALA E 209 6.65 46.90 -2.70
N GLY E 210 6.12 47.96 -2.07
CA GLY E 210 5.60 49.07 -2.83
C GLY E 210 4.14 48.89 -3.24
N ALA E 211 3.24 49.19 -2.31
CA ALA E 211 1.81 49.07 -2.54
C ALA E 211 1.06 50.08 -1.69
N LYS E 212 -0.02 50.64 -2.25
CA LYS E 212 -0.80 51.63 -1.52
C LYS E 212 -1.42 50.94 -0.31
N MET E 213 -1.41 51.62 0.83
CA MET E 213 -1.94 51.05 2.06
C MET E 213 -3.22 51.73 2.54
N ILE E 214 -4.23 50.92 2.85
CA ILE E 214 -5.50 51.43 3.35
C ILE E 214 -5.92 50.64 4.56
N ILE E 215 -6.35 51.32 5.62
CA ILE E 215 -6.78 50.64 6.82
C ILE E 215 -8.12 51.16 7.35
N VAL E 216 -9.11 50.26 7.38
CA VAL E 216 -10.44 50.58 7.87
C VAL E 216 -10.60 49.85 9.19
N ASN E 217 -10.70 50.59 10.29
CA ASN E 217 -10.85 49.97 11.60
C ASN E 217 -11.59 50.89 12.58
N ALA E 218 -12.42 50.31 13.43
CA ALA E 218 -13.19 51.08 14.40
C ALA E 218 -12.31 51.95 15.29
N GLU E 219 -11.03 51.61 15.36
CA GLU E 219 -10.08 52.38 16.18
C GLU E 219 -8.68 52.33 15.58
N PRO E 220 -7.81 53.27 15.98
CA PRO E 220 -6.44 53.30 15.46
C PRO E 220 -5.55 52.17 15.97
N THR E 221 -4.67 51.69 15.10
CA THR E 221 -3.75 50.63 15.46
C THR E 221 -2.34 51.21 15.57
N MET E 222 -1.42 50.43 16.13
CA MET E 222 -0.03 50.89 16.28
C MET E 222 0.75 50.85 14.97
N ALA E 223 0.15 50.31 13.92
CA ALA E 223 0.81 50.22 12.63
C ALA E 223 0.20 51.19 11.62
N ASP E 224 -0.51 52.19 12.13
CA ASP E 224 -1.16 53.20 11.28
C ASP E 224 -0.20 54.04 10.42
N PRO E 225 0.91 54.52 11.00
CA PRO E 225 1.89 55.34 10.26
C PRO E 225 2.25 54.85 8.86
N ILE E 226 2.24 53.54 8.63
CA ILE E 226 2.60 53.02 7.32
C ILE E 226 1.50 53.13 6.27
N PHE E 227 0.26 53.30 6.71
CA PHE E 227 -0.86 53.40 5.78
C PHE E 227 -1.04 54.77 5.15
N ASP E 228 -1.30 54.77 3.84
CA ASP E 228 -1.51 56.00 3.09
C ASP E 228 -2.86 56.65 3.43
N VAL E 229 -3.82 55.84 3.87
CA VAL E 229 -5.15 56.33 4.25
C VAL E 229 -5.75 55.52 5.39
N LYS E 230 -6.12 56.21 6.47
CA LYS E 230 -6.72 55.57 7.62
C LYS E 230 -8.15 56.05 7.83
N ILE E 231 -9.07 55.10 8.01
CA ILE E 231 -10.48 55.40 8.22
C ILE E 231 -10.93 54.81 9.54
N ILE E 232 -11.47 55.65 10.42
CA ILE E 232 -11.94 55.17 11.71
C ILE E 232 -13.47 54.98 11.69
N GLY E 233 -13.91 53.85 11.16
CA GLY E 233 -15.32 53.57 11.10
C GLY E 233 -15.65 52.10 11.25
N LYS E 234 -16.86 51.73 10.86
CA LYS E 234 -17.29 50.34 10.95
C LYS E 234 -17.37 49.74 9.56
N ALA E 235 -16.66 48.62 9.37
CA ALA E 235 -16.60 47.92 8.09
C ALA E 235 -17.90 47.87 7.29
N GLY E 236 -19.00 47.52 7.95
CA GLY E 236 -20.28 47.42 7.27
C GLY E 236 -20.82 48.71 6.68
N GLU E 237 -20.34 49.84 7.17
CA GLU E 237 -20.78 51.15 6.67
C GLU E 237 -19.74 51.77 5.74
N VAL E 238 -18.47 51.58 6.05
CA VAL E 238 -17.37 52.15 5.25
C VAL E 238 -17.14 51.44 3.92
N LEU E 239 -16.97 50.13 3.95
CA LEU E 239 -16.73 49.35 2.74
C LEU E 239 -17.75 49.55 1.62
N PRO E 240 -19.06 49.57 1.95
CA PRO E 240 -20.08 49.76 0.90
C PRO E 240 -20.03 51.13 0.22
N LYS E 241 -19.76 52.18 0.98
CA LYS E 241 -19.67 53.53 0.42
C LYS E 241 -18.43 53.67 -0.46
N ILE E 242 -17.34 53.01 -0.07
CA ILE E 242 -16.10 53.04 -0.85
C ILE E 242 -16.40 52.39 -2.19
N VAL E 243 -17.19 51.32 -2.16
CA VAL E 243 -17.54 50.60 -3.37
C VAL E 243 -18.47 51.42 -4.27
N GLU E 244 -19.32 52.26 -3.69
CA GLU E 244 -20.23 53.06 -4.48
C GLU E 244 -19.49 54.28 -5.04
N GLU E 245 -18.39 54.65 -4.37
CA GLU E 245 -17.58 55.77 -4.81
C GLU E 245 -16.59 55.30 -5.87
N VAL E 246 -16.34 54.00 -5.90
CA VAL E 246 -15.44 53.42 -6.89
C VAL E 246 -16.27 53.19 -8.15
N LYS E 247 -17.59 53.12 -7.96
CA LYS E 247 -18.50 52.93 -9.07
C LYS E 247 -18.72 54.26 -9.78
N ARG E 248 -18.96 55.31 -9.00
CA ARG E 248 -19.16 56.65 -9.54
C ARG E 248 -17.90 57.06 -10.28
N LEU E 249 -16.75 56.74 -9.67
CA LEU E 249 -15.45 57.06 -10.27
C LEU E 249 -15.29 56.26 -11.56
N ARG E 250 -15.18 54.94 -11.43
CA ARG E 250 -15.03 54.08 -12.60
C ARG E 250 -16.12 54.40 -13.63
#